data_1KRR
#
_entry.id   1KRR
#
_cell.length_a   65.700
_cell.length_b   182.500
_cell.length_c   121.200
_cell.angle_alpha   90.00
_cell.angle_beta   90.00
_cell.angle_gamma   90.00
#
_symmetry.space_group_name_H-M   'C 2 2 21'
#
loop_
_entity.id
_entity.type
_entity.pdbx_description
1 polymer 'GALACTOSIDE O-ACETYLTRANSFERASE'
2 non-polymer 'ACETYL COENZYME *A'
3 water water
#
_entity_poly.entity_id   1
_entity_poly.type   'polypeptide(L)'
_entity_poly.pdbx_seq_one_letter_code
;MNMPMTERIRAGKLFTDMCEGLPEKRLRGKTLMYEFNHSHPSEVEKRESLIKEMFATVGENAWVEPPVYFSYGSNIHIGR
NFYANFNLTIVDDYTVTIGDNVLIAPNVTLSVTGHPVHHELRKNGEMYSFPITIGNNVWIGSHVVINPGVTIGDNSVIGA
GSIVTKDIPPNVVAAGVPCRVIREINDRDKHYYFKDYKVESSV
;
_entity_poly.pdbx_strand_id   A,B,C
#
loop_
_chem_comp.id
_chem_comp.type
_chem_comp.name
_chem_comp.formula
ACO non-polymer 'ACETYL COENZYME *A' 'C23 H38 N7 O17 P3 S'
#
# COMPACT_ATOMS: atom_id res chain seq x y z
N ASN A 2 5.43 18.12 -35.38
CA ASN A 2 4.13 18.73 -35.00
C ASN A 2 3.11 17.68 -34.47
N MET A 3 2.86 17.70 -33.15
CA MET A 3 1.92 16.76 -32.50
C MET A 3 1.48 17.12 -31.04
N PRO A 4 0.19 17.43 -30.80
CA PRO A 4 -0.27 17.76 -29.45
C PRO A 4 0.10 16.67 -28.49
N MET A 5 -0.11 17.00 -27.23
CA MET A 5 0.17 16.05 -26.21
C MET A 5 -0.89 14.95 -26.33
N THR A 6 -2.09 15.29 -26.85
CA THR A 6 -3.21 14.32 -26.92
C THR A 6 -2.83 13.13 -27.77
N GLU A 7 -2.26 13.48 -28.92
CA GLU A 7 -1.77 12.56 -29.91
C GLU A 7 -0.48 11.86 -29.45
N ARG A 8 0.32 12.53 -28.62
CA ARG A 8 1.56 11.96 -28.13
C ARG A 8 1.30 10.81 -27.17
N ILE A 9 0.26 10.93 -26.35
CA ILE A 9 -0.08 9.89 -25.40
C ILE A 9 -0.53 8.65 -26.17
N ARG A 10 -1.34 8.88 -27.18
CA ARG A 10 -1.85 7.82 -28.03
C ARG A 10 -0.70 7.14 -28.77
N ALA A 11 0.27 7.96 -29.18
CA ALA A 11 1.42 7.48 -29.93
C ALA A 11 2.44 6.76 -29.06
N GLY A 12 2.32 6.89 -27.75
CA GLY A 12 3.28 6.23 -26.88
C GLY A 12 4.50 7.08 -26.62
N LYS A 13 4.50 8.29 -27.20
CA LYS A 13 5.61 9.24 -27.04
C LYS A 13 5.51 9.98 -25.71
N LEU A 14 6.62 10.58 -25.27
CA LEU A 14 6.64 11.31 -24.02
C LEU A 14 5.71 12.50 -24.10
N PHE A 15 5.17 12.92 -22.96
CA PHE A 15 4.26 14.06 -22.90
C PHE A 15 4.19 14.63 -21.49
N THR A 16 3.42 15.71 -21.35
CA THR A 16 3.20 16.34 -20.06
C THR A 16 1.75 16.74 -20.10
N ASP A 17 1.07 16.76 -18.95
CA ASP A 17 -0.37 17.05 -18.97
C ASP A 17 -0.92 18.35 -18.38
N MET A 18 -0.21 19.46 -18.54
CA MET A 18 -0.69 20.73 -18.00
C MET A 18 -1.28 21.63 -19.11
N CYS A 19 -1.96 21.01 -20.06
CA CYS A 19 -2.59 21.73 -21.17
C CYS A 19 -3.57 20.83 -21.91
N GLU A 20 -4.24 21.42 -22.89
CA GLU A 20 -5.22 20.73 -23.72
C GLU A 20 -6.42 20.22 -22.94
N GLY A 21 -6.70 20.89 -21.83
CA GLY A 21 -7.84 20.54 -21.00
C GLY A 21 -7.65 19.35 -20.07
N LEU A 22 -6.52 18.66 -20.18
CA LEU A 22 -6.26 17.48 -19.36
C LEU A 22 -6.46 17.83 -17.89
N PRO A 23 -5.72 18.82 -17.37
CA PRO A 23 -5.90 19.19 -15.97
C PRO A 23 -7.38 19.28 -15.59
N GLU A 24 -8.17 19.93 -16.44
CA GLU A 24 -9.58 20.10 -16.15
C GLU A 24 -10.32 18.79 -16.20
N LYS A 25 -9.84 17.91 -17.05
CA LYS A 25 -10.45 16.59 -17.10
C LYS A 25 -10.16 15.87 -15.77
N ARG A 26 -8.93 15.96 -15.29
CA ARG A 26 -8.48 15.34 -14.05
C ARG A 26 -9.32 15.77 -12.85
N LEU A 27 -9.63 17.06 -12.80
CA LEU A 27 -10.43 17.67 -11.73
C LEU A 27 -11.85 17.09 -11.68
N ARG A 28 -12.47 16.95 -12.84
CA ARG A 28 -13.81 16.38 -12.90
C ARG A 28 -13.80 14.98 -12.28
N GLY A 29 -12.82 14.16 -12.63
CA GLY A 29 -12.76 12.81 -12.10
C GLY A 29 -12.44 12.71 -10.62
N LYS A 30 -11.52 13.54 -10.16
CA LYS A 30 -11.15 13.51 -8.76
C LYS A 30 -12.25 14.12 -7.91
N THR A 31 -13.17 14.84 -8.53
CA THR A 31 -14.28 15.42 -7.79
C THR A 31 -15.26 14.30 -7.44
N LEU A 32 -15.55 13.43 -8.40
CA LEU A 32 -16.47 12.32 -8.20
C LEU A 32 -15.77 11.32 -7.31
N MET A 33 -14.47 11.22 -7.50
CA MET A 33 -13.63 10.33 -6.69
C MET A 33 -13.79 10.74 -5.24
N TYR A 34 -13.59 12.02 -4.97
CA TYR A 34 -13.72 12.54 -3.62
C TYR A 34 -15.08 12.15 -3.04
N GLU A 35 -16.15 12.46 -3.75
CA GLU A 35 -17.49 12.13 -3.26
C GLU A 35 -17.63 10.64 -2.98
N PHE A 36 -17.06 9.81 -3.85
CA PHE A 36 -17.16 8.38 -3.66
C PHE A 36 -16.41 7.97 -2.39
N ASN A 37 -15.16 8.42 -2.29
CA ASN A 37 -14.30 8.06 -1.16
C ASN A 37 -14.78 8.52 0.21
N HIS A 38 -15.52 9.63 0.26
CA HIS A 38 -16.00 10.13 1.55
C HIS A 38 -17.47 9.89 1.80
N SER A 39 -18.06 8.99 1.02
CA SER A 39 -19.47 8.64 1.14
C SER A 39 -19.69 7.64 2.28
N HIS A 40 -20.84 7.74 2.94
CA HIS A 40 -21.19 6.87 4.04
C HIS A 40 -21.52 5.48 3.52
N PRO A 41 -21.08 4.43 4.23
CA PRO A 41 -21.38 3.07 3.76
C PRO A 41 -22.84 2.77 3.43
N SER A 42 -23.75 3.61 3.92
CA SER A 42 -25.16 3.40 3.69
C SER A 42 -25.61 4.06 2.40
N GLU A 43 -24.80 4.97 1.89
CA GLU A 43 -25.15 5.63 0.64
C GLU A 43 -24.93 4.65 -0.51
N VAL A 44 -25.63 3.52 -0.44
CA VAL A 44 -25.52 2.48 -1.44
C VAL A 44 -25.89 2.92 -2.86
N GLU A 45 -27.09 3.47 -3.01
CA GLU A 45 -27.53 3.93 -4.33
C GLU A 45 -26.48 4.87 -4.90
N LYS A 46 -26.19 5.94 -4.18
CA LYS A 46 -25.21 6.92 -4.61
C LYS A 46 -23.89 6.29 -5.08
N ARG A 47 -23.35 5.36 -4.27
CA ARG A 47 -22.10 4.69 -4.60
C ARG A 47 -22.15 3.95 -5.92
N GLU A 48 -23.31 3.37 -6.20
CA GLU A 48 -23.49 2.65 -7.43
C GLU A 48 -23.52 3.61 -8.62
N SER A 49 -24.21 4.74 -8.44
CA SER A 49 -24.33 5.74 -9.51
C SER A 49 -23.02 6.44 -9.77
N LEU A 50 -22.21 6.62 -8.72
CA LEU A 50 -20.92 7.30 -8.89
C LEU A 50 -19.97 6.43 -9.68
N ILE A 51 -20.11 5.13 -9.54
CA ILE A 51 -19.25 4.21 -10.26
C ILE A 51 -19.47 4.31 -11.76
N LYS A 52 -20.73 4.25 -12.19
CA LYS A 52 -21.06 4.30 -13.61
C LYS A 52 -20.70 5.68 -14.18
N GLU A 53 -20.52 6.63 -13.27
CA GLU A 53 -20.14 8.02 -13.56
C GLU A 53 -18.64 8.15 -13.73
N MET A 54 -17.95 7.64 -12.72
CA MET A 54 -16.51 7.75 -12.61
C MET A 54 -15.69 7.15 -13.74
N PHE A 55 -15.99 5.90 -14.08
CA PHE A 55 -15.29 5.17 -15.11
C PHE A 55 -15.93 5.32 -16.49
N ALA A 56 -15.13 5.09 -17.53
CA ALA A 56 -15.58 5.18 -18.90
C ALA A 56 -16.67 4.14 -19.12
N THR A 57 -16.39 2.91 -18.72
CA THR A 57 -17.34 1.82 -18.91
C THR A 57 -17.36 0.92 -17.68
N VAL A 58 -18.54 0.42 -17.33
CA VAL A 58 -18.70 -0.48 -16.20
C VAL A 58 -19.77 -1.50 -16.61
N GLY A 59 -19.49 -2.79 -16.45
CA GLY A 59 -20.46 -3.82 -16.78
C GLY A 59 -21.39 -3.93 -15.59
N GLU A 60 -22.42 -4.75 -15.69
CA GLU A 60 -23.41 -4.95 -14.63
C GLU A 60 -22.75 -5.62 -13.42
N ASN A 61 -23.23 -5.31 -12.21
CA ASN A 61 -22.73 -5.95 -10.98
C ASN A 61 -21.33 -5.57 -10.56
N ALA A 62 -20.95 -4.32 -10.75
CA ALA A 62 -19.61 -3.89 -10.40
C ALA A 62 -19.55 -3.41 -8.97
N TRP A 63 -18.46 -3.74 -8.28
CA TRP A 63 -18.28 -3.27 -6.92
C TRP A 63 -16.86 -2.84 -6.60
N VAL A 64 -16.75 -1.62 -6.11
CA VAL A 64 -15.48 -1.03 -5.71
C VAL A 64 -15.63 -0.58 -4.26
N GLU A 65 -14.79 -1.13 -3.38
CA GLU A 65 -14.80 -0.76 -1.96
C GLU A 65 -14.01 0.50 -1.79
N PRO A 66 -14.65 1.58 -1.35
CA PRO A 66 -13.84 2.79 -1.18
C PRO A 66 -12.76 2.61 -0.10
N PRO A 67 -11.67 3.39 -0.19
CA PRO A 67 -11.42 4.38 -1.23
C PRO A 67 -10.83 3.82 -2.52
N VAL A 68 -11.01 4.59 -3.59
CA VAL A 68 -10.50 4.28 -4.90
C VAL A 68 -9.71 5.51 -5.35
N TYR A 69 -8.57 5.29 -6.02
CA TYR A 69 -7.75 6.39 -6.51
C TYR A 69 -7.40 6.22 -7.98
N PHE A 70 -7.58 7.29 -8.77
CA PHE A 70 -7.25 7.22 -10.18
C PHE A 70 -6.94 8.62 -10.66
N SER A 71 -6.47 8.76 -11.87
CA SER A 71 -6.14 10.07 -12.35
C SER A 71 -7.27 10.73 -13.10
N TYR A 72 -7.90 9.96 -13.98
CA TYR A 72 -9.01 10.48 -14.77
C TYR A 72 -10.24 9.65 -14.52
N GLY A 73 -10.09 8.34 -14.41
CA GLY A 73 -11.24 7.49 -14.21
C GLY A 73 -11.94 7.17 -15.52
N SER A 74 -12.02 8.16 -16.41
CA SER A 74 -12.69 7.96 -17.72
C SER A 74 -11.85 7.25 -18.77
N ASN A 75 -10.68 6.75 -18.37
CA ASN A 75 -9.81 6.02 -19.27
C ASN A 75 -9.85 4.58 -18.86
N ILE A 76 -10.66 4.29 -17.85
CA ILE A 76 -10.80 2.94 -17.35
C ILE A 76 -12.09 2.30 -17.84
N HIS A 77 -11.96 1.09 -18.36
CA HIS A 77 -13.10 0.34 -18.86
C HIS A 77 -13.17 -0.97 -18.11
N ILE A 78 -14.30 -1.21 -17.46
CA ILE A 78 -14.49 -2.43 -16.69
C ILE A 78 -15.61 -3.32 -17.23
N GLY A 79 -15.38 -4.64 -17.18
CA GLY A 79 -16.35 -5.59 -17.68
C GLY A 79 -17.46 -5.79 -16.67
N ARG A 80 -18.02 -7.00 -16.60
CA ARG A 80 -19.09 -7.29 -15.65
C ARG A 80 -18.60 -8.12 -14.50
N ASN A 81 -19.35 -8.08 -13.40
CA ASN A 81 -19.05 -8.84 -12.18
C ASN A 81 -17.66 -8.52 -11.63
N PHE A 82 -17.30 -7.25 -11.69
CA PHE A 82 -16.03 -6.78 -11.23
C PHE A 82 -16.09 -6.43 -9.76
N TYR A 83 -15.12 -6.97 -8.99
CA TYR A 83 -15.02 -6.66 -7.57
C TYR A 83 -13.60 -6.23 -7.19
N ALA A 84 -13.47 -5.00 -6.71
CA ALA A 84 -12.20 -4.48 -6.26
C ALA A 84 -12.37 -4.17 -4.80
N ASN A 85 -11.42 -4.60 -3.99
CA ASN A 85 -11.48 -4.35 -2.57
C ASN A 85 -10.81 -2.99 -2.25
N PHE A 86 -10.67 -2.69 -0.96
CA PHE A 86 -10.08 -1.45 -0.48
C PHE A 86 -8.86 -0.90 -1.21
N ASN A 87 -8.82 0.41 -1.36
CA ASN A 87 -7.70 1.13 -1.96
C ASN A 87 -7.17 0.72 -3.32
N LEU A 88 -8.06 0.48 -4.27
CA LEU A 88 -7.57 0.16 -5.58
C LEU A 88 -7.00 1.49 -6.14
N THR A 89 -5.80 1.45 -6.72
CA THR A 89 -5.21 2.66 -7.28
C THR A 89 -4.98 2.43 -8.76
N ILE A 90 -5.49 3.31 -9.60
CA ILE A 90 -5.32 3.17 -11.03
C ILE A 90 -4.85 4.44 -11.70
N VAL A 91 -3.60 4.46 -12.12
CA VAL A 91 -3.06 5.64 -12.77
C VAL A 91 -3.41 5.51 -14.22
N ASP A 92 -4.52 6.11 -14.60
CA ASP A 92 -4.99 6.00 -15.96
C ASP A 92 -4.83 7.22 -16.83
N ASP A 93 -3.58 7.58 -17.09
CA ASP A 93 -3.31 8.71 -17.96
C ASP A 93 -3.71 8.25 -19.35
N TYR A 94 -3.80 6.93 -19.53
CA TYR A 94 -4.24 6.33 -20.77
C TYR A 94 -5.04 5.07 -20.45
N THR A 95 -5.74 4.58 -21.46
CA THR A 95 -6.61 3.43 -21.36
C THR A 95 -6.21 2.24 -20.51
N VAL A 96 -7.16 1.76 -19.73
CA VAL A 96 -6.99 0.60 -18.89
C VAL A 96 -8.25 -0.23 -19.17
N THR A 97 -8.06 -1.51 -19.49
CA THR A 97 -9.16 -2.39 -19.80
C THR A 97 -9.15 -3.62 -18.91
N ILE A 98 -10.28 -3.89 -18.26
CA ILE A 98 -10.40 -5.03 -17.37
C ILE A 98 -11.55 -5.89 -17.89
N GLY A 99 -11.40 -7.21 -17.87
CA GLY A 99 -12.45 -8.09 -18.35
C GLY A 99 -13.55 -8.38 -17.35
N ASP A 100 -14.19 -9.54 -17.49
CA ASP A 100 -15.27 -9.91 -16.60
C ASP A 100 -14.84 -10.86 -15.53
N ASN A 101 -15.51 -10.79 -14.39
CA ASN A 101 -15.20 -11.65 -13.26
C ASN A 101 -13.78 -11.48 -12.73
N VAL A 102 -13.31 -10.24 -12.79
CA VAL A 102 -11.99 -9.89 -12.29
C VAL A 102 -12.13 -9.56 -10.79
N LEU A 103 -11.24 -10.15 -9.99
CA LEU A 103 -11.20 -9.98 -8.55
C LEU A 103 -9.88 -9.31 -8.18
N ILE A 104 -9.96 -8.18 -7.48
CA ILE A 104 -8.78 -7.45 -7.05
C ILE A 104 -8.73 -7.34 -5.54
N ALA A 105 -7.68 -7.89 -4.96
CA ALA A 105 -7.48 -7.86 -3.53
C ALA A 105 -7.17 -6.43 -3.10
N PRO A 106 -7.11 -6.16 -1.79
CA PRO A 106 -6.82 -4.82 -1.28
C PRO A 106 -5.42 -4.31 -1.65
N ASN A 107 -5.30 -2.99 -1.70
CA ASN A 107 -4.06 -2.30 -2.00
C ASN A 107 -3.33 -2.76 -3.24
N VAL A 108 -3.97 -2.54 -4.37
CA VAL A 108 -3.41 -2.93 -5.64
C VAL A 108 -3.22 -1.66 -6.42
N THR A 109 -2.10 -1.56 -7.11
CA THR A 109 -1.84 -0.36 -7.88
C THR A 109 -1.71 -0.67 -9.34
N LEU A 110 -2.52 -0.03 -10.16
CA LEU A 110 -2.37 -0.28 -11.59
C LEU A 110 -1.72 0.95 -12.23
N SER A 111 -0.80 0.84 -13.20
CA SER A 111 -0.22 2.07 -13.77
C SER A 111 0.15 1.99 -15.25
N VAL A 112 -0.52 2.77 -16.10
CA VAL A 112 -0.19 2.78 -17.53
C VAL A 112 0.99 3.72 -17.74
N THR A 113 1.23 4.56 -16.74
CA THR A 113 2.26 5.57 -16.78
C THR A 113 3.61 5.31 -16.09
N GLY A 114 4.65 5.89 -16.66
CA GLY A 114 5.97 5.76 -16.12
C GLY A 114 6.73 6.98 -16.57
N HIS A 115 8.00 7.03 -16.22
CA HIS A 115 8.87 8.14 -16.58
C HIS A 115 10.19 7.66 -17.17
N PRO A 116 10.74 8.42 -18.10
CA PRO A 116 12.04 8.02 -18.65
C PRO A 116 12.99 7.75 -17.48
N VAL A 117 13.85 6.74 -17.59
CA VAL A 117 14.80 6.43 -16.53
C VAL A 117 15.78 7.57 -16.41
N HIS A 118 16.15 8.13 -17.56
CA HIS A 118 17.08 9.23 -17.60
C HIS A 118 16.52 10.54 -17.09
N HIS A 119 17.16 11.05 -16.05
CA HIS A 119 16.70 12.26 -15.46
C HIS A 119 16.67 13.43 -16.40
N GLU A 120 17.32 13.24 -17.54
CA GLU A 120 17.47 14.27 -18.52
C GLU A 120 16.28 14.38 -19.45
N LEU A 121 15.54 13.27 -19.45
CA LEU A 121 14.35 13.12 -20.25
C LEU A 121 13.14 13.57 -19.48
N ARG A 122 13.27 13.77 -18.17
CA ARG A 122 12.13 14.17 -17.35
C ARG A 122 12.42 15.45 -16.61
N LYS A 123 13.12 16.38 -17.26
CA LYS A 123 13.43 17.66 -16.63
C LYS A 123 12.14 18.31 -16.15
N ASN A 124 11.07 18.13 -16.93
CA ASN A 124 9.75 18.67 -16.61
C ASN A 124 8.76 17.57 -16.23
N GLY A 125 9.31 16.41 -15.81
CA GLY A 125 8.50 15.29 -15.33
C GLY A 125 7.68 14.75 -16.47
N GLU A 126 8.38 14.36 -17.48
CA GLU A 126 7.78 13.82 -18.63
C GLU A 126 7.51 12.35 -18.49
N MET A 127 6.38 11.93 -19.03
CA MET A 127 5.95 10.55 -18.92
C MET A 127 5.51 9.96 -20.23
N TYR A 128 5.39 8.63 -20.20
CA TYR A 128 4.90 7.86 -21.32
C TYR A 128 3.73 7.05 -20.78
N SER A 129 2.76 6.71 -21.65
CA SER A 129 1.60 5.94 -21.22
C SER A 129 1.30 4.82 -22.19
N PHE A 130 1.30 3.62 -21.65
CA PHE A 130 1.03 2.41 -22.44
C PHE A 130 -0.09 1.62 -21.75
N PRO A 131 -1.26 1.50 -22.41
CA PRO A 131 -2.43 0.79 -21.90
C PRO A 131 -2.18 -0.54 -21.22
N ILE A 132 -3.02 -0.85 -20.23
CA ILE A 132 -2.94 -2.10 -19.48
C ILE A 132 -4.17 -2.91 -19.90
N THR A 133 -4.02 -4.23 -20.02
CA THR A 133 -5.11 -5.09 -20.45
C THR A 133 -5.20 -6.32 -19.59
N ILE A 134 -6.28 -6.44 -18.81
CA ILE A 134 -6.51 -7.60 -17.93
C ILE A 134 -7.56 -8.53 -18.54
N GLY A 135 -7.20 -9.79 -18.72
CA GLY A 135 -8.14 -10.73 -19.31
C GLY A 135 -9.34 -10.96 -18.43
N ASN A 136 -10.14 -11.96 -18.76
CA ASN A 136 -11.31 -12.29 -17.97
C ASN A 136 -10.88 -13.27 -16.90
N ASN A 137 -11.70 -13.36 -15.85
CA ASN A 137 -11.52 -14.26 -14.72
C ASN A 137 -10.15 -14.24 -14.05
N VAL A 138 -9.54 -13.05 -14.04
CA VAL A 138 -8.24 -12.82 -13.44
C VAL A 138 -8.38 -12.48 -11.95
N TRP A 139 -7.53 -13.05 -11.10
CA TRP A 139 -7.58 -12.71 -9.69
C TRP A 139 -6.23 -12.12 -9.32
N ILE A 140 -6.25 -10.91 -8.75
CA ILE A 140 -5.03 -10.22 -8.38
C ILE A 140 -4.86 -10.10 -6.87
N GLY A 141 -3.76 -10.62 -6.36
CA GLY A 141 -3.46 -10.59 -4.94
C GLY A 141 -3.19 -9.21 -4.37
N SER A 142 -2.95 -9.13 -3.05
CA SER A 142 -2.69 -7.88 -2.36
C SER A 142 -1.34 -7.29 -2.68
N HIS A 143 -1.26 -5.97 -2.56
CA HIS A 143 -0.04 -5.23 -2.78
C HIS A 143 0.65 -5.52 -4.12
N VAL A 144 -0.12 -5.89 -5.12
CA VAL A 144 0.43 -6.18 -6.43
C VAL A 144 0.50 -4.86 -7.18
N VAL A 145 1.50 -4.71 -8.05
CA VAL A 145 1.64 -3.51 -8.86
C VAL A 145 1.69 -3.96 -10.32
N ILE A 146 0.95 -3.31 -11.18
CA ILE A 146 1.00 -3.67 -12.58
C ILE A 146 1.52 -2.48 -13.35
N ASN A 147 2.67 -2.68 -14.00
CA ASN A 147 3.33 -1.60 -14.72
C ASN A 147 2.79 -1.34 -16.10
N PRO A 148 3.26 -0.25 -16.75
CA PRO A 148 2.85 0.16 -18.09
C PRO A 148 2.79 -0.92 -19.18
N GLY A 149 1.80 -0.78 -20.06
CA GLY A 149 1.60 -1.67 -21.18
C GLY A 149 1.57 -3.15 -20.91
N VAL A 150 1.23 -3.55 -19.70
CA VAL A 150 1.20 -4.97 -19.35
C VAL A 150 -0.12 -5.62 -19.73
N THR A 151 -0.07 -6.87 -20.19
CA THR A 151 -1.26 -7.62 -20.53
C THR A 151 -1.30 -8.91 -19.69
N ILE A 152 -2.41 -9.15 -19.02
CA ILE A 152 -2.57 -10.35 -18.18
C ILE A 152 -3.55 -11.24 -18.91
N GLY A 153 -3.14 -12.46 -19.20
CA GLY A 153 -3.98 -13.36 -19.96
C GLY A 153 -5.15 -13.85 -19.11
N ASP A 154 -6.28 -14.05 -19.74
CA ASP A 154 -7.48 -14.53 -19.04
C ASP A 154 -7.13 -15.67 -18.06
N ASN A 155 -8.03 -15.86 -17.10
CA ASN A 155 -7.97 -16.93 -16.09
C ASN A 155 -6.64 -17.02 -15.34
N SER A 156 -5.84 -15.99 -15.35
CA SER A 156 -4.53 -16.09 -14.71
C SER A 156 -4.67 -15.57 -13.29
N VAL A 157 -3.75 -15.96 -12.42
CA VAL A 157 -3.74 -15.54 -11.03
C VAL A 157 -2.40 -14.86 -10.70
N ILE A 158 -2.47 -13.69 -10.08
CA ILE A 158 -1.29 -12.94 -9.67
C ILE A 158 -1.21 -12.99 -8.16
N GLY A 159 -0.15 -13.60 -7.65
CA GLY A 159 0.05 -13.70 -6.23
C GLY A 159 0.30 -12.34 -5.58
N ALA A 160 0.04 -12.27 -4.28
CA ALA A 160 0.23 -11.03 -3.53
C ALA A 160 1.65 -10.51 -3.59
N GLY A 161 1.76 -9.20 -3.69
CA GLY A 161 3.07 -8.58 -3.72
C GLY A 161 3.80 -8.65 -5.04
N SER A 162 3.16 -9.24 -6.04
CA SER A 162 3.75 -9.35 -7.36
C SER A 162 4.00 -7.98 -7.96
N ILE A 163 5.09 -7.84 -8.68
CA ILE A 163 5.41 -6.59 -9.37
C ILE A 163 5.46 -7.04 -10.83
N VAL A 164 4.40 -6.77 -11.56
CA VAL A 164 4.28 -7.18 -12.96
C VAL A 164 4.86 -6.20 -13.96
N THR A 165 5.94 -6.62 -14.61
CA THR A 165 6.60 -5.78 -15.60
C THR A 165 6.47 -6.35 -17.01
N LYS A 166 6.19 -7.64 -17.10
CA LYS A 166 6.05 -8.30 -18.40
C LYS A 166 4.65 -8.89 -18.51
N ASP A 167 4.20 -9.17 -19.74
CA ASP A 167 2.89 -9.76 -19.98
C ASP A 167 2.76 -11.14 -19.35
N ILE A 168 1.60 -11.44 -18.77
CA ILE A 168 1.37 -12.75 -18.17
C ILE A 168 0.47 -13.55 -19.10
N PRO A 169 0.89 -14.77 -19.43
CA PRO A 169 0.02 -15.55 -20.33
C PRO A 169 -1.27 -16.01 -19.64
N PRO A 170 -2.26 -16.42 -20.42
CA PRO A 170 -3.50 -16.89 -19.80
C PRO A 170 -3.27 -18.21 -19.09
N ASN A 171 -4.24 -18.60 -18.25
CA ASN A 171 -4.18 -19.86 -17.51
C ASN A 171 -2.92 -20.14 -16.70
N VAL A 172 -2.39 -19.12 -16.05
CA VAL A 172 -1.21 -19.35 -15.22
C VAL A 172 -1.29 -18.72 -13.85
N VAL A 173 -0.46 -19.25 -12.97
CA VAL A 173 -0.28 -18.70 -11.63
C VAL A 173 1.10 -18.02 -11.66
N ALA A 174 1.12 -16.70 -11.47
CA ALA A 174 2.34 -15.97 -11.53
C ALA A 174 2.55 -15.22 -10.22
N ALA A 175 3.81 -15.02 -9.85
CA ALA A 175 4.15 -14.32 -8.62
C ALA A 175 5.62 -13.96 -8.59
N GLY A 176 6.01 -13.15 -7.62
CA GLY A 176 7.39 -12.76 -7.46
C GLY A 176 7.71 -11.30 -7.73
N VAL A 177 8.97 -10.95 -7.47
CA VAL A 177 9.47 -9.61 -7.72
C VAL A 177 10.80 -9.75 -8.47
N PRO A 178 10.80 -9.57 -9.79
CA PRO A 178 9.64 -9.22 -10.62
C PRO A 178 8.80 -10.50 -10.80
N CYS A 179 7.56 -10.33 -11.27
CA CYS A 179 6.62 -11.43 -11.48
C CYS A 179 7.12 -12.46 -12.49
N ARG A 180 7.03 -13.74 -12.13
CA ARG A 180 7.43 -14.88 -12.97
C ARG A 180 6.31 -15.90 -13.03
N VAL A 181 6.12 -16.50 -14.18
CA VAL A 181 5.12 -17.54 -14.27
C VAL A 181 5.58 -18.67 -13.38
N ILE A 182 4.72 -19.13 -12.49
CA ILE A 182 5.09 -20.20 -11.59
C ILE A 182 4.67 -21.56 -12.13
N ARG A 183 3.44 -21.65 -12.61
CA ARG A 183 2.94 -22.91 -13.11
C ARG A 183 1.70 -22.67 -13.94
N GLU A 184 1.23 -23.73 -14.55
CA GLU A 184 0.05 -23.71 -15.39
C GLU A 184 -1.08 -24.10 -14.49
N ILE A 185 -2.25 -23.52 -14.70
CA ILE A 185 -3.40 -23.89 -13.88
C ILE A 185 -3.99 -25.15 -14.51
N ASN A 186 -3.84 -26.29 -13.86
CA ASN A 186 -4.36 -27.52 -14.41
C ASN A 186 -5.68 -27.95 -13.77
N ASP A 187 -6.11 -29.16 -14.12
CA ASP A 187 -7.35 -29.71 -13.64
C ASP A 187 -7.26 -30.18 -12.21
N ARG A 188 -6.04 -30.23 -11.69
CA ARG A 188 -5.85 -30.63 -10.29
C ARG A 188 -6.34 -29.47 -9.43
N ASP A 189 -6.55 -28.32 -10.07
CA ASP A 189 -7.02 -27.10 -9.40
C ASP A 189 -8.52 -27.06 -9.40
N LYS A 190 -9.09 -27.92 -10.24
CA LYS A 190 -10.53 -28.00 -10.33
C LYS A 190 -11.12 -28.76 -9.11
N HIS A 191 -10.26 -29.42 -8.32
CA HIS A 191 -10.61 -30.20 -7.10
C HIS A 191 -10.04 -29.56 -5.85
N TYR A 192 -8.78 -29.13 -5.94
CA TYR A 192 -8.11 -28.48 -4.83
C TYR A 192 -8.22 -26.96 -4.95
N TYR A 193 -8.31 -26.28 -3.82
CA TYR A 193 -8.39 -24.82 -3.84
C TYR A 193 -7.42 -24.19 -2.83
N PHE A 194 -7.04 -24.96 -1.82
CA PHE A 194 -6.11 -24.49 -0.80
C PHE A 194 -5.41 -25.68 -0.16
N LYS A 195 -4.08 -25.67 -0.25
CA LYS A 195 -3.26 -26.74 0.30
C LYS A 195 -3.80 -28.12 -0.12
N ASP A 196 -4.61 -28.74 0.73
CA ASP A 196 -5.15 -30.06 0.40
C ASP A 196 -6.64 -30.15 0.64
N TYR A 197 -7.36 -29.09 0.31
CA TYR A 197 -8.81 -29.06 0.47
C TYR A 197 -9.48 -29.28 -0.87
N LYS A 198 -10.19 -30.41 -1.00
CA LYS A 198 -10.90 -30.74 -2.23
C LYS A 198 -12.36 -30.31 -2.16
N VAL A 199 -13.10 -30.56 -3.23
CA VAL A 199 -14.52 -30.21 -3.32
C VAL A 199 -15.36 -31.45 -3.68
N GLU A 200 -16.46 -31.64 -2.94
CA GLU A 200 -17.37 -32.80 -3.14
C GLU A 200 -18.79 -32.37 -3.64
N SER A 201 -19.62 -33.34 -4.06
CA SER A 201 -20.97 -33.17 -4.65
C SER A 201 -22.07 -32.84 -3.61
N ASN B 2 -26.65 -27.40 1.05
CA ASN B 2 -27.46 -26.90 2.20
C ASN B 2 -26.72 -26.95 3.55
N MET B 3 -25.81 -25.99 3.73
CA MET B 3 -25.03 -25.84 4.95
C MET B 3 -24.90 -24.33 5.04
N PRO B 4 -25.38 -23.75 6.14
CA PRO B 4 -25.26 -22.29 6.25
C PRO B 4 -23.84 -21.79 5.92
N MET B 5 -23.77 -20.78 5.06
CA MET B 5 -22.50 -20.18 4.68
C MET B 5 -21.62 -20.03 5.92
N THR B 6 -22.20 -19.48 6.98
CA THR B 6 -21.53 -19.28 8.25
C THR B 6 -20.79 -20.51 8.73
N GLU B 7 -21.43 -21.66 8.61
CA GLU B 7 -20.85 -22.91 9.07
C GLU B 7 -19.85 -23.51 8.05
N ARG B 8 -19.86 -22.97 6.83
CA ARG B 8 -18.93 -23.43 5.81
C ARG B 8 -17.60 -22.67 5.99
N ILE B 9 -17.69 -21.47 6.56
CA ILE B 9 -16.51 -20.65 6.83
C ILE B 9 -15.64 -21.40 7.84
N ARG B 10 -16.26 -21.70 8.98
CA ARG B 10 -15.60 -22.44 10.05
C ARG B 10 -15.02 -23.78 9.63
N ALA B 11 -15.61 -24.37 8.60
CA ALA B 11 -15.15 -25.66 8.08
C ALA B 11 -14.08 -25.54 7.00
N GLY B 12 -13.77 -24.31 6.61
CA GLY B 12 -12.76 -24.09 5.59
C GLY B 12 -13.25 -24.50 4.22
N LYS B 13 -14.57 -24.46 4.06
CA LYS B 13 -15.20 -24.81 2.81
C LYS B 13 -15.46 -23.55 2.03
N LEU B 14 -15.67 -23.71 0.73
CA LEU B 14 -15.91 -22.56 -0.12
C LEU B 14 -17.30 -22.02 0.17
N PHE B 15 -17.37 -20.69 0.20
CA PHE B 15 -18.59 -19.98 0.53
C PHE B 15 -18.72 -18.63 -0.13
N THR B 16 -19.88 -18.01 0.05
CA THR B 16 -20.16 -16.67 -0.45
C THR B 16 -20.85 -16.00 0.72
N ASP B 17 -20.79 -14.69 0.77
CA ASP B 17 -21.34 -13.97 1.89
C ASP B 17 -22.48 -13.00 1.64
N MET B 18 -23.34 -13.27 0.66
CA MET B 18 -24.43 -12.36 0.38
C MET B 18 -25.71 -12.74 1.10
N CYS B 19 -25.60 -13.36 2.26
CA CYS B 19 -26.79 -13.79 2.98
C CYS B 19 -26.54 -14.19 4.44
N GLU B 20 -27.63 -14.56 5.11
CA GLU B 20 -27.60 -15.00 6.49
C GLU B 20 -27.13 -13.92 7.45
N GLY B 21 -27.46 -12.67 7.13
CA GLY B 21 -27.09 -11.60 8.03
C GLY B 21 -25.67 -11.08 7.92
N LEU B 22 -24.89 -11.68 7.02
CA LEU B 22 -23.52 -11.26 6.84
C LEU B 22 -23.45 -9.83 6.34
N PRO B 23 -24.19 -9.50 5.27
CA PRO B 23 -24.16 -8.12 4.76
C PRO B 23 -24.53 -7.08 5.81
N GLU B 24 -25.44 -7.44 6.70
CA GLU B 24 -25.89 -6.54 7.75
C GLU B 24 -24.78 -6.37 8.77
N LYS B 25 -24.03 -7.45 8.99
CA LYS B 25 -22.95 -7.39 9.94
C LYS B 25 -21.94 -6.44 9.34
N ARG B 26 -21.64 -6.65 8.07
CA ARG B 26 -20.66 -5.83 7.38
C ARG B 26 -20.97 -4.34 7.41
N LEU B 27 -22.24 -4.01 7.25
CA LEU B 27 -22.63 -2.61 7.25
C LEU B 27 -22.51 -1.98 8.65
N ARG B 28 -22.66 -2.78 9.69
CA ARG B 28 -22.55 -2.27 11.05
C ARG B 28 -21.09 -1.88 11.28
N GLY B 29 -20.21 -2.85 11.05
CA GLY B 29 -18.78 -2.63 11.21
C GLY B 29 -18.26 -1.51 10.33
N LYS B 30 -18.52 -1.60 9.03
CA LYS B 30 -18.05 -0.58 8.10
C LYS B 30 -18.64 0.80 8.38
N THR B 31 -19.63 0.86 9.25
CA THR B 31 -20.25 2.14 9.59
C THR B 31 -19.40 2.78 10.68
N LEU B 32 -18.99 1.98 11.65
CA LEU B 32 -18.16 2.47 12.73
C LEU B 32 -16.79 2.87 12.15
N MET B 33 -16.32 2.05 11.22
CA MET B 33 -15.06 2.26 10.51
C MET B 33 -15.04 3.64 9.85
N TYR B 34 -16.14 4.00 9.22
CA TYR B 34 -16.25 5.27 8.56
C TYR B 34 -16.19 6.43 9.57
N GLU B 35 -16.90 6.34 10.71
CA GLU B 35 -16.81 7.49 11.62
C GLU B 35 -15.42 7.54 12.27
N PHE B 36 -14.73 6.41 12.45
CA PHE B 36 -13.36 6.44 12.96
C PHE B 36 -12.45 7.07 11.91
N ASN B 37 -12.40 6.44 10.74
CA ASN B 37 -11.58 6.91 9.64
C ASN B 37 -11.77 8.36 9.29
N HIS B 38 -12.94 8.94 9.55
CA HIS B 38 -13.14 10.34 9.22
C HIS B 38 -13.19 11.26 10.44
N SER B 39 -12.95 10.69 11.61
CA SER B 39 -12.95 11.46 12.86
C SER B 39 -11.77 12.44 12.86
N HIS B 40 -11.95 13.59 13.51
CA HIS B 40 -10.89 14.61 13.61
C HIS B 40 -9.86 14.11 14.63
N PRO B 41 -8.55 14.31 14.36
CA PRO B 41 -7.48 13.88 15.27
C PRO B 41 -7.66 14.33 16.71
N SER B 42 -8.39 15.42 16.88
CA SER B 42 -8.63 15.94 18.22
C SER B 42 -9.73 15.19 18.96
N GLU B 43 -10.50 14.37 18.25
CA GLU B 43 -11.59 13.61 18.86
C GLU B 43 -11.07 12.32 19.47
N VAL B 44 -10.03 12.45 20.30
CA VAL B 44 -9.42 11.30 20.95
C VAL B 44 -10.39 10.36 21.72
N GLU B 45 -11.24 10.87 22.63
CA GLU B 45 -12.17 9.97 23.37
C GLU B 45 -13.02 9.19 22.36
N LYS B 46 -13.55 9.91 21.37
CA LYS B 46 -14.38 9.32 20.31
C LYS B 46 -13.65 8.15 19.70
N ARG B 47 -12.44 8.42 19.23
CA ARG B 47 -11.64 7.38 18.62
C ARG B 47 -11.44 6.24 19.61
N GLU B 48 -11.13 6.60 20.85
CA GLU B 48 -10.92 5.64 21.94
C GLU B 48 -12.08 4.67 22.14
N SER B 49 -13.30 5.11 21.89
CA SER B 49 -14.43 4.21 22.14
C SER B 49 -14.77 3.42 20.90
N LEU B 50 -14.57 4.03 19.74
CA LEU B 50 -14.84 3.36 18.49
C LEU B 50 -13.96 2.13 18.38
N ILE B 51 -12.75 2.21 18.90
CA ILE B 51 -11.84 1.06 18.85
C ILE B 51 -12.38 -0.09 19.66
N LYS B 52 -12.81 0.22 20.88
CA LYS B 52 -13.34 -0.79 21.76
C LYS B 52 -14.54 -1.36 21.09
N GLU B 53 -15.26 -0.43 20.48
CA GLU B 53 -16.45 -0.73 19.78
C GLU B 53 -16.21 -1.53 18.49
N MET B 54 -15.32 -1.13 17.56
CA MET B 54 -15.11 -1.84 16.26
C MET B 54 -14.70 -3.30 16.30
N PHE B 55 -13.73 -3.60 17.14
CA PHE B 55 -13.21 -4.95 17.25
C PHE B 55 -13.91 -5.78 18.31
N ALA B 56 -13.96 -7.10 18.11
CA ALA B 56 -14.62 -7.96 19.08
C ALA B 56 -13.85 -7.93 20.40
N THR B 57 -12.53 -7.84 20.31
CA THR B 57 -11.72 -7.82 21.50
C THR B 57 -10.56 -6.85 21.37
N VAL B 58 -10.36 -6.03 22.39
CA VAL B 58 -9.30 -5.04 22.39
C VAL B 58 -8.79 -4.88 23.81
N GLY B 59 -7.50 -5.11 24.02
CA GLY B 59 -6.93 -4.98 25.34
C GLY B 59 -6.71 -3.52 25.64
N GLU B 60 -6.08 -3.26 26.77
CA GLU B 60 -5.79 -1.92 27.22
C GLU B 60 -4.64 -1.28 26.45
N ASN B 61 -4.63 0.05 26.44
CA ASN B 61 -3.60 0.83 25.77
C ASN B 61 -3.43 0.41 24.33
N ALA B 62 -4.51 0.53 23.59
CA ALA B 62 -4.51 0.18 22.18
C ALA B 62 -4.57 1.45 21.36
N TRP B 63 -3.82 1.50 20.28
CA TRP B 63 -3.86 2.68 19.46
C TRP B 63 -3.87 2.27 18.00
N VAL B 64 -4.63 3.00 17.20
CA VAL B 64 -4.73 2.72 15.79
C VAL B 64 -4.80 4.04 15.06
N GLU B 65 -3.83 4.25 14.19
CA GLU B 65 -3.77 5.46 13.41
C GLU B 65 -4.74 5.36 12.24
N PRO B 66 -5.82 6.16 12.25
CA PRO B 66 -6.72 6.05 11.10
C PRO B 66 -5.97 6.49 9.84
N PRO B 67 -6.37 5.98 8.68
CA PRO B 67 -7.45 5.02 8.47
C PRO B 67 -7.11 3.56 8.71
N VAL B 68 -8.14 2.79 9.01
CA VAL B 68 -8.04 1.36 9.24
C VAL B 68 -9.17 0.73 8.45
N TYR B 69 -8.93 -0.48 7.93
CA TYR B 69 -9.93 -1.17 7.11
C TYR B 69 -10.13 -2.65 7.40
N PHE B 70 -11.40 -3.08 7.44
CA PHE B 70 -11.73 -4.47 7.68
C PHE B 70 -13.05 -4.75 7.01
N SER B 71 -13.41 -6.02 6.94
CA SER B 71 -14.67 -6.40 6.33
C SER B 71 -15.78 -6.42 7.37
N TYR B 72 -15.45 -6.92 8.56
CA TYR B 72 -16.38 -7.01 9.67
C TYR B 72 -15.94 -6.21 10.88
N GLY B 73 -14.79 -6.57 11.44
CA GLY B 73 -14.29 -5.87 12.62
C GLY B 73 -14.51 -6.76 13.82
N SER B 74 -15.68 -7.39 13.85
CA SER B 74 -16.06 -8.26 14.95
C SER B 74 -15.42 -9.63 14.92
N ASN B 75 -14.43 -9.83 14.06
CA ASN B 75 -13.72 -11.11 13.99
C ASN B 75 -12.26 -10.86 14.34
N ILE B 76 -11.95 -9.62 14.72
CA ILE B 76 -10.60 -9.25 15.09
C ILE B 76 -10.51 -9.16 16.61
N HIS B 77 -9.60 -9.95 17.17
CA HIS B 77 -9.41 -10.00 18.62
C HIS B 77 -7.98 -9.58 18.95
N ILE B 78 -7.85 -8.33 19.38
CA ILE B 78 -6.57 -7.75 19.70
C ILE B 78 -6.18 -7.82 21.18
N GLY B 79 -4.91 -8.04 21.43
CA GLY B 79 -4.42 -8.11 22.81
C GLY B 79 -4.08 -6.76 23.44
N ARG B 80 -3.12 -6.76 24.36
CA ARG B 80 -2.70 -5.55 25.08
C ARG B 80 -1.65 -4.71 24.37
N ASN B 81 -1.77 -3.40 24.60
CA ASN B 81 -0.78 -2.44 24.11
C ASN B 81 -0.53 -2.71 22.66
N PHE B 82 -1.57 -2.50 21.87
CA PHE B 82 -1.46 -2.73 20.46
C PHE B 82 -1.33 -1.41 19.74
N TYR B 83 -0.32 -1.32 18.88
CA TYR B 83 -0.11 -0.12 18.09
C TYR B 83 -0.12 -0.49 16.61
N ALA B 84 -0.93 0.21 15.85
CA ALA B 84 -1.05 -0.04 14.43
C ALA B 84 -0.96 1.31 13.79
N ASN B 85 -0.08 1.42 12.81
CA ASN B 85 0.10 2.67 12.11
C ASN B 85 -0.83 2.72 10.89
N PHE B 86 -0.88 3.86 10.23
CA PHE B 86 -1.72 4.11 9.06
C PHE B 86 -2.00 2.91 8.17
N ASN B 87 -3.21 2.89 7.64
CA ASN B 87 -3.72 1.89 6.70
C ASN B 87 -3.58 0.41 7.00
N LEU B 88 -3.87 0.04 8.23
CA LEU B 88 -3.82 -1.37 8.55
C LEU B 88 -5.10 -1.96 7.93
N THR B 89 -4.95 -2.91 7.02
CA THR B 89 -6.12 -3.54 6.42
C THR B 89 -6.24 -4.98 6.83
N ILE B 90 -7.38 -5.33 7.42
CA ILE B 90 -7.63 -6.70 7.86
C ILE B 90 -8.92 -7.25 7.27
N VAL B 91 -8.79 -8.23 6.36
CA VAL B 91 -9.95 -8.86 5.76
C VAL B 91 -10.31 -9.99 6.72
N ASP B 92 -11.15 -9.66 7.69
CA ASP B 92 -11.54 -10.59 8.73
C ASP B 92 -12.86 -11.30 8.51
N ASP B 93 -12.93 -12.12 7.47
CA ASP B 93 -14.14 -12.87 7.19
C ASP B 93 -14.21 -13.99 8.21
N TYR B 94 -13.09 -14.25 8.87
CA TYR B 94 -13.03 -15.26 9.89
C TYR B 94 -12.03 -14.75 10.92
N THR B 95 -11.72 -15.56 11.93
CA THR B 95 -10.82 -15.17 13.03
C THR B 95 -9.42 -14.64 12.75
N VAL B 96 -9.12 -13.49 13.33
CA VAL B 96 -7.82 -12.83 13.24
C VAL B 96 -7.46 -12.51 14.70
N THR B 97 -6.35 -13.05 15.18
CA THR B 97 -5.96 -12.84 16.57
C THR B 97 -4.56 -12.27 16.76
N ILE B 98 -4.48 -11.10 17.38
CA ILE B 98 -3.21 -10.44 17.64
C ILE B 98 -2.87 -10.43 19.15
N GLY B 99 -1.68 -10.93 19.50
CA GLY B 99 -1.27 -10.97 20.89
C GLY B 99 -0.99 -9.61 21.51
N ASP B 100 -0.23 -9.61 22.61
CA ASP B 100 0.11 -8.37 23.32
C ASP B 100 1.35 -7.71 22.78
N ASN B 101 1.45 -6.40 23.01
CA ASN B 101 2.59 -5.61 22.60
C ASN B 101 3.01 -5.90 21.18
N VAL B 102 2.06 -5.80 20.26
CA VAL B 102 2.31 -6.04 18.87
C VAL B 102 2.39 -4.67 18.20
N LEU B 103 3.42 -4.46 17.40
CA LEU B 103 3.59 -3.19 16.71
C LEU B 103 3.37 -3.41 15.24
N ILE B 104 2.49 -2.62 14.63
CA ILE B 104 2.27 -2.77 13.20
C ILE B 104 2.51 -1.47 12.46
N ALA B 105 3.46 -1.55 11.55
CA ALA B 105 3.88 -0.43 10.73
C ALA B 105 2.82 -0.06 9.69
N PRO B 106 3.02 1.07 8.97
CA PRO B 106 2.04 1.46 7.96
C PRO B 106 1.87 0.52 6.79
N ASN B 107 0.68 0.59 6.21
CA ASN B 107 0.25 -0.18 5.06
C ASN B 107 0.47 -1.68 5.13
N VAL B 108 -0.05 -2.29 6.19
CA VAL B 108 0.07 -3.72 6.37
C VAL B 108 -1.26 -4.36 6.02
N THR B 109 -1.23 -5.58 5.48
CA THR B 109 -2.44 -6.27 5.06
C THR B 109 -2.53 -7.70 5.55
N LEU B 110 -3.61 -8.00 6.29
CA LEU B 110 -3.88 -9.31 6.83
C LEU B 110 -5.16 -9.76 6.11
N SER B 111 -5.26 -11.06 5.84
CA SER B 111 -6.40 -11.59 5.12
C SER B 111 -6.54 -13.08 5.27
N VAL B 112 -7.56 -13.48 6.02
CA VAL B 112 -7.84 -14.89 6.23
C VAL B 112 -8.48 -15.50 4.98
N THR B 113 -8.85 -14.63 4.04
CA THR B 113 -9.51 -15.06 2.82
C THR B 113 -8.71 -15.18 1.50
N GLY B 114 -9.00 -16.24 0.77
CA GLY B 114 -8.37 -16.48 -0.51
C GLY B 114 -9.44 -16.94 -1.48
N HIS B 115 -9.08 -17.07 -2.75
CA HIS B 115 -10.03 -17.53 -3.75
C HIS B 115 -9.43 -18.75 -4.44
N PRO B 116 -10.28 -19.72 -4.78
CA PRO B 116 -9.68 -20.89 -5.44
C PRO B 116 -8.96 -20.39 -6.69
N VAL B 117 -7.81 -20.97 -6.99
CA VAL B 117 -7.03 -20.60 -8.16
C VAL B 117 -7.81 -20.80 -9.46
N HIS B 118 -8.41 -21.97 -9.62
CA HIS B 118 -9.19 -22.25 -10.81
C HIS B 118 -10.40 -21.31 -10.91
N HIS B 119 -10.48 -20.57 -12.01
CA HIS B 119 -11.55 -19.58 -12.19
C HIS B 119 -12.93 -20.14 -12.35
N GLU B 120 -13.06 -21.39 -12.00
CA GLU B 120 -14.31 -22.06 -12.21
C GLU B 120 -14.93 -22.47 -10.89
N LEU B 121 -14.07 -22.50 -9.87
CA LEU B 121 -14.41 -22.80 -8.48
C LEU B 121 -14.81 -21.47 -7.84
N ARG B 122 -14.55 -20.39 -8.58
CA ARG B 122 -14.85 -19.02 -8.13
C ARG B 122 -15.68 -18.19 -9.11
N LYS B 123 -16.58 -18.86 -9.83
CA LYS B 123 -17.45 -18.22 -10.83
C LYS B 123 -18.29 -17.12 -10.22
N ASN B 124 -18.56 -17.21 -8.93
CA ASN B 124 -19.35 -16.21 -8.21
C ASN B 124 -18.56 -15.59 -7.05
N GLY B 125 -17.24 -15.49 -7.25
CA GLY B 125 -16.33 -14.91 -6.27
C GLY B 125 -16.36 -15.68 -4.99
N GLU B 126 -16.08 -16.96 -5.13
CA GLU B 126 -16.10 -17.86 -4.01
C GLU B 126 -14.84 -17.73 -3.20
N MET B 127 -14.99 -17.89 -1.90
CA MET B 127 -13.81 -17.79 -1.07
C MET B 127 -13.69 -18.84 0.00
N TYR B 128 -12.51 -18.89 0.59
CA TYR B 128 -12.29 -19.80 1.70
C TYR B 128 -11.62 -18.90 2.74
N SER B 129 -11.70 -19.29 4.01
CA SER B 129 -11.12 -18.50 5.08
C SER B 129 -10.44 -19.34 6.13
N PHE B 130 -9.22 -18.96 6.45
CA PHE B 130 -8.43 -19.63 7.47
C PHE B 130 -7.86 -18.54 8.38
N PRO B 131 -8.06 -18.68 9.71
CA PRO B 131 -7.60 -17.75 10.75
C PRO B 131 -6.13 -17.42 10.78
N ILE B 132 -5.84 -16.14 11.03
CA ILE B 132 -4.47 -15.68 11.14
C ILE B 132 -4.24 -15.45 12.62
N THR B 133 -3.01 -15.68 13.06
CA THR B 133 -2.64 -15.52 14.46
C THR B 133 -1.28 -14.83 14.64
N ILE B 134 -1.30 -13.59 15.12
CA ILE B 134 -0.09 -12.83 15.36
C ILE B 134 0.22 -13.03 16.82
N GLY B 135 1.40 -13.58 17.11
CA GLY B 135 1.79 -13.84 18.48
C GLY B 135 2.09 -12.60 19.30
N ASN B 136 2.60 -12.79 20.51
CA ASN B 136 2.94 -11.66 21.37
C ASN B 136 4.29 -11.07 21.00
N ASN B 137 4.39 -9.77 21.21
CA ASN B 137 5.64 -9.06 20.93
C ASN B 137 6.14 -9.25 19.51
N VAL B 138 5.24 -9.21 18.54
CA VAL B 138 5.63 -9.36 17.16
C VAL B 138 5.67 -7.98 16.51
N TRP B 139 6.61 -7.78 15.59
CA TRP B 139 6.73 -6.50 14.91
C TRP B 139 6.64 -6.73 13.41
N ILE B 140 5.66 -6.10 12.78
CA ILE B 140 5.47 -6.23 11.34
C ILE B 140 5.86 -4.94 10.63
N GLY B 141 6.84 -5.02 9.72
CA GLY B 141 7.29 -3.85 8.99
C GLY B 141 6.27 -3.36 7.99
N SER B 142 6.59 -2.29 7.27
CA SER B 142 5.66 -1.74 6.27
C SER B 142 5.42 -2.59 5.02
N HIS B 143 4.25 -2.41 4.42
CA HIS B 143 3.86 -3.12 3.21
C HIS B 143 3.98 -4.62 3.32
N VAL B 144 3.70 -5.19 4.48
CA VAL B 144 3.77 -6.63 4.63
C VAL B 144 2.37 -7.22 4.35
N VAL B 145 2.32 -8.42 3.79
CA VAL B 145 1.04 -9.06 3.50
C VAL B 145 1.09 -10.40 4.22
N ILE B 146 0.04 -10.69 4.98
CA ILE B 146 -0.03 -11.97 5.70
C ILE B 146 -1.21 -12.72 5.13
N ASN B 147 -0.94 -13.91 4.62
CA ASN B 147 -1.96 -14.69 3.95
C ASN B 147 -2.79 -15.62 4.80
N PRO B 148 -3.88 -16.15 4.21
CA PRO B 148 -4.76 -17.07 4.92
C PRO B 148 -4.09 -18.09 5.78
N GLY B 149 -4.72 -18.36 6.91
CA GLY B 149 -4.23 -19.37 7.81
C GLY B 149 -2.80 -19.36 8.30
N VAL B 150 -2.17 -18.20 8.32
CA VAL B 150 -0.78 -18.10 8.76
C VAL B 150 -0.63 -17.79 10.25
N THR B 151 0.33 -18.44 10.91
CA THR B 151 0.58 -18.17 12.32
C THR B 151 2.01 -17.64 12.50
N ILE B 152 2.14 -16.46 13.09
CA ILE B 152 3.43 -15.83 13.35
C ILE B 152 3.81 -16.03 14.81
N GLY B 153 4.81 -16.86 15.07
CA GLY B 153 5.25 -17.10 16.43
C GLY B 153 5.63 -15.84 17.20
N ASP B 154 5.66 -15.95 18.52
CA ASP B 154 5.97 -14.85 19.41
C ASP B 154 7.35 -14.23 19.24
N ASN B 155 7.42 -12.98 19.69
CA ASN B 155 8.64 -12.14 19.71
C ASN B 155 9.39 -12.08 18.38
N SER B 156 8.76 -12.51 17.29
CA SER B 156 9.43 -12.54 15.99
C SER B 156 9.24 -11.23 15.24
N VAL B 157 10.07 -11.00 14.22
CA VAL B 157 10.00 -9.79 13.42
C VAL B 157 9.82 -10.10 11.94
N ILE B 158 8.96 -9.33 11.28
CA ILE B 158 8.67 -9.51 9.86
C ILE B 158 9.07 -8.24 9.09
N GLY B 159 10.11 -8.37 8.27
CA GLY B 159 10.60 -7.24 7.50
C GLY B 159 9.64 -6.64 6.52
N ALA B 160 9.83 -5.34 6.27
CA ALA B 160 9.01 -4.60 5.33
C ALA B 160 8.97 -5.29 3.98
N GLY B 161 7.79 -5.27 3.36
CA GLY B 161 7.59 -5.89 2.06
C GLY B 161 7.40 -7.39 2.06
N SER B 162 7.45 -8.04 3.21
CA SER B 162 7.29 -9.48 3.24
C SER B 162 5.90 -9.95 2.86
N ILE B 163 5.84 -11.11 2.25
CA ILE B 163 4.60 -11.75 1.86
C ILE B 163 4.60 -13.06 2.64
N VAL B 164 4.00 -13.04 3.82
CA VAL B 164 3.97 -14.24 4.64
C VAL B 164 2.95 -15.25 4.11
N THR B 165 3.44 -16.39 3.65
CA THR B 165 2.58 -17.44 3.12
C THR B 165 2.66 -18.71 3.96
N LYS B 166 3.67 -18.78 4.82
CA LYS B 166 3.88 -19.94 5.68
C LYS B 166 3.91 -19.48 7.12
N ASP B 167 3.81 -20.42 8.05
CA ASP B 167 3.87 -20.13 9.47
C ASP B 167 5.25 -19.66 9.76
N ILE B 168 5.37 -18.71 10.66
CA ILE B 168 6.68 -18.19 11.02
C ILE B 168 6.91 -18.59 12.47
N PRO B 169 8.01 -19.31 12.75
CA PRO B 169 8.33 -19.75 14.10
C PRO B 169 8.61 -18.52 14.94
N PRO B 170 8.75 -18.72 16.26
CA PRO B 170 9.01 -17.59 17.15
C PRO B 170 10.50 -17.27 17.30
N ASN B 171 10.81 -16.05 17.71
CA ASN B 171 12.19 -15.67 17.94
C ASN B 171 13.05 -15.61 16.71
N VAL B 172 12.44 -15.30 15.58
CA VAL B 172 13.23 -15.21 14.36
C VAL B 172 13.01 -13.88 13.73
N VAL B 173 13.72 -13.70 12.64
CA VAL B 173 13.61 -12.52 11.80
C VAL B 173 13.36 -13.06 10.39
N ALA B 174 12.22 -12.72 9.82
CA ALA B 174 11.84 -13.23 8.51
C ALA B 174 11.54 -12.14 7.51
N ALA B 175 11.91 -12.35 6.26
CA ALA B 175 11.68 -11.35 5.24
C ALA B 175 11.69 -12.01 3.87
N GLY B 176 11.28 -11.26 2.85
CA GLY B 176 11.27 -11.81 1.51
C GLY B 176 9.91 -12.12 0.91
N VAL B 177 9.91 -12.37 -0.39
CA VAL B 177 8.72 -12.68 -1.15
C VAL B 177 9.01 -13.96 -1.92
N PRO B 178 8.55 -15.11 -1.41
CA PRO B 178 7.79 -15.24 -0.16
C PRO B 178 8.65 -15.09 1.08
N CYS B 179 8.02 -14.66 2.16
CA CYS B 179 8.71 -14.47 3.42
C CYS B 179 9.38 -15.75 3.91
N ARG B 180 10.64 -15.63 4.29
CA ARG B 180 11.36 -16.77 4.81
C ARG B 180 12.21 -16.35 6.00
N VAL B 181 12.48 -17.29 6.89
CA VAL B 181 13.27 -17.04 8.07
C VAL B 181 14.68 -16.63 7.71
N ILE B 182 15.02 -15.38 8.00
CA ILE B 182 16.36 -14.85 7.74
C ILE B 182 17.21 -15.35 8.89
N ARG B 183 16.70 -15.23 10.11
CA ARG B 183 17.49 -15.67 11.23
C ARG B 183 16.95 -15.50 12.62
N GLU B 184 17.51 -16.33 13.50
CA GLU B 184 17.18 -16.36 14.90
C GLU B 184 17.70 -15.13 15.61
N ILE B 185 16.96 -14.69 16.61
CA ILE B 185 17.33 -13.52 17.38
C ILE B 185 18.16 -14.01 18.56
N ASN B 186 19.40 -13.57 18.62
CA ASN B 186 20.34 -13.96 19.68
C ASN B 186 20.84 -12.75 20.50
N ASP B 187 21.64 -13.06 21.52
CA ASP B 187 22.18 -12.04 22.41
C ASP B 187 22.78 -10.81 21.73
N ARG B 188 23.31 -10.96 20.51
CA ARG B 188 23.88 -9.80 19.83
C ARG B 188 22.84 -8.71 19.65
N ASP B 189 21.57 -9.13 19.56
CA ASP B 189 20.43 -8.24 19.37
C ASP B 189 19.99 -7.52 20.63
N LYS B 190 20.59 -7.90 21.75
CA LYS B 190 20.32 -7.25 23.02
C LYS B 190 21.29 -6.07 23.12
N HIS B 191 22.34 -6.10 22.29
CA HIS B 191 23.37 -5.06 22.26
C HIS B 191 23.27 -4.17 21.04
N TYR B 192 23.11 -4.78 19.87
CA TYR B 192 22.98 -4.02 18.63
C TYR B 192 21.51 -3.93 18.32
N TYR B 193 21.02 -2.70 18.18
CA TYR B 193 19.61 -2.49 17.89
C TYR B 193 19.38 -2.01 16.48
N PHE B 194 20.45 -1.66 15.78
CA PHE B 194 20.35 -1.23 14.38
C PHE B 194 21.70 -1.18 13.72
N LYS B 195 21.80 -1.85 12.58
CA LYS B 195 23.05 -1.88 11.82
C LYS B 195 24.24 -1.88 12.76
N ASP B 196 25.04 -0.82 12.68
CA ASP B 196 26.26 -0.65 13.47
C ASP B 196 26.11 0.27 14.69
N TYR B 197 25.02 0.10 15.44
CA TYR B 197 24.77 0.93 16.61
C TYR B 197 24.60 0.07 17.84
N LYS B 198 25.51 0.24 18.80
CA LYS B 198 25.49 -0.52 20.05
C LYS B 198 24.60 0.16 21.08
N VAL B 199 23.87 -0.64 21.85
CA VAL B 199 22.97 -0.13 22.87
C VAL B 199 23.68 0.78 23.86
N GLU B 200 24.98 0.57 24.05
CA GLU B 200 25.72 1.41 24.98
C GLU B 200 26.65 2.44 24.34
N SER B 201 26.08 3.62 24.08
CA SER B 201 26.81 4.75 23.51
C SER B 201 26.86 5.73 24.68
N ASN C 2 20.08 7.30 31.14
CA ASN C 2 19.88 7.79 29.74
C ASN C 2 20.08 9.33 29.68
N MET C 3 19.34 9.99 28.77
CA MET C 3 19.38 11.46 28.56
C MET C 3 18.03 11.93 27.92
N PRO C 4 17.72 13.26 27.91
CA PRO C 4 16.46 13.74 27.30
C PRO C 4 16.06 13.02 26.02
N MET C 5 14.76 12.83 25.81
CA MET C 5 14.26 12.09 24.63
C MET C 5 14.57 12.74 23.27
N THR C 6 14.39 14.06 23.16
CA THR C 6 14.67 14.73 21.89
C THR C 6 16.15 14.58 21.48
N GLU C 7 17.02 14.45 22.47
CA GLU C 7 18.44 14.25 22.21
C GLU C 7 18.70 12.85 21.69
N ARG C 8 18.18 11.84 22.39
CA ARG C 8 18.38 10.46 21.97
C ARG C 8 18.06 10.38 20.50
N ILE C 9 17.00 11.08 20.09
CA ILE C 9 16.59 11.08 18.70
C ILE C 9 17.77 11.50 17.85
N ARG C 10 18.18 12.75 18.01
CA ARG C 10 19.30 13.29 17.26
C ARG C 10 20.57 12.44 17.34
N ALA C 11 20.73 11.68 18.43
CA ALA C 11 21.92 10.85 18.63
C ALA C 11 21.75 9.42 18.13
N GLY C 12 20.59 9.12 17.54
CA GLY C 12 20.38 7.78 17.05
C GLY C 12 20.29 6.79 18.19
N LYS C 13 19.70 7.21 19.30
CA LYS C 13 19.55 6.34 20.48
C LYS C 13 18.09 5.94 20.61
N LEU C 14 17.84 4.81 21.29
CA LEU C 14 16.49 4.30 21.52
C LEU C 14 15.68 5.31 22.35
N PHE C 15 14.43 5.50 21.97
CA PHE C 15 13.56 6.45 22.64
C PHE C 15 12.10 6.08 22.50
N THR C 16 11.31 6.71 23.36
CA THR C 16 9.85 6.59 23.36
C THR C 16 9.37 8.02 23.16
N ASP C 17 8.16 8.21 22.64
CA ASP C 17 7.74 9.57 22.37
C ASP C 17 6.44 10.00 23.03
N MET C 18 6.37 9.90 24.35
CA MET C 18 5.16 10.29 25.06
C MET C 18 5.43 11.45 26.02
N CYS C 19 6.46 12.22 25.71
CA CYS C 19 6.84 13.34 26.55
C CYS C 19 7.47 14.49 25.76
N GLU C 20 8.06 15.43 26.50
CA GLU C 20 8.74 16.59 25.92
C GLU C 20 7.93 17.33 24.86
N GLY C 21 6.61 17.23 24.95
CA GLY C 21 5.74 17.91 24.01
C GLY C 21 5.59 17.27 22.64
N LEU C 22 6.14 16.06 22.50
CA LEU C 22 6.08 15.30 21.27
C LEU C 22 4.65 15.01 20.85
N PRO C 23 3.81 14.54 21.79
CA PRO C 23 2.41 14.24 21.43
C PRO C 23 1.67 15.47 20.88
N GLU C 24 1.86 16.62 21.52
CA GLU C 24 1.20 17.83 21.08
C GLU C 24 1.66 18.24 19.71
N LYS C 25 2.96 18.07 19.48
CA LYS C 25 3.60 18.41 18.20
C LYS C 25 2.94 17.57 17.10
N ARG C 26 2.69 16.31 17.43
CA ARG C 26 2.05 15.35 16.54
C ARG C 26 0.61 15.78 16.23
N LEU C 27 -0.11 16.24 17.25
CA LEU C 27 -1.50 16.66 17.06
C LEU C 27 -1.66 17.83 16.09
N ARG C 28 -0.73 18.77 16.10
CA ARG C 28 -0.82 19.90 15.18
C ARG C 28 -0.62 19.33 13.79
N GLY C 29 0.34 18.43 13.67
CA GLY C 29 0.61 17.81 12.39
C GLY C 29 -0.60 17.09 11.83
N LYS C 30 -1.03 16.04 12.54
CA LYS C 30 -2.20 15.26 12.16
C LYS C 30 -3.46 16.12 11.98
N THR C 31 -3.42 17.36 12.49
CA THR C 31 -4.54 18.28 12.37
C THR C 31 -4.49 18.92 11.01
N LEU C 32 -3.33 19.45 10.62
CA LEU C 32 -3.19 20.05 9.30
C LEU C 32 -3.34 18.95 8.25
N MET C 33 -2.86 17.78 8.60
CA MET C 33 -2.94 16.62 7.73
C MET C 33 -4.42 16.31 7.47
N TYR C 34 -5.22 16.24 8.52
CA TYR C 34 -6.66 15.98 8.38
C TYR C 34 -7.30 17.05 7.48
N GLU C 35 -6.96 18.31 7.69
CA GLU C 35 -7.49 19.38 6.89
C GLU C 35 -7.10 19.20 5.41
N PHE C 36 -5.93 18.65 5.15
CA PHE C 36 -5.49 18.47 3.77
C PHE C 36 -6.17 17.27 3.15
N ASN C 37 -6.09 16.15 3.85
CA ASN C 37 -6.67 14.91 3.39
C ASN C 37 -8.17 15.02 3.12
N HIS C 38 -8.88 15.81 3.91
CA HIS C 38 -10.31 15.94 3.71
C HIS C 38 -10.74 17.12 2.83
N SER C 39 -9.78 17.92 2.37
CA SER C 39 -10.13 19.05 1.50
C SER C 39 -10.82 18.56 0.24
N HIS C 40 -11.42 19.47 -0.50
CA HIS C 40 -12.15 19.15 -1.74
C HIS C 40 -11.24 19.46 -2.93
N PRO C 41 -11.31 18.65 -3.98
CA PRO C 41 -10.47 18.90 -5.16
C PRO C 41 -10.54 20.32 -5.70
N SER C 42 -11.64 21.01 -5.44
CA SER C 42 -11.77 22.37 -5.96
C SER C 42 -11.06 23.38 -5.11
N GLU C 43 -10.78 23.00 -3.87
CA GLU C 43 -10.12 23.93 -2.98
C GLU C 43 -8.60 23.88 -3.13
N VAL C 44 -8.15 24.34 -4.30
CA VAL C 44 -6.75 24.35 -4.64
C VAL C 44 -5.90 25.32 -3.81
N GLU C 45 -6.44 26.52 -3.57
CA GLU C 45 -5.69 27.51 -2.82
C GLU C 45 -5.47 27.08 -1.38
N LYS C 46 -6.44 26.36 -0.81
CA LYS C 46 -6.32 25.88 0.56
C LYS C 46 -5.31 24.77 0.64
N ARG C 47 -5.30 23.94 -0.38
CA ARG C 47 -4.38 22.82 -0.43
C ARG C 47 -2.95 23.34 -0.51
N GLU C 48 -2.74 24.47 -1.19
CA GLU C 48 -1.40 25.01 -1.29
C GLU C 48 -0.94 25.60 0.03
N SER C 49 -1.79 26.32 0.77
CA SER C 49 -1.37 26.85 2.06
C SER C 49 -0.97 25.73 3.01
N LEU C 50 -1.75 24.66 3.02
CA LEU C 50 -1.50 23.55 3.91
C LEU C 50 -0.17 22.88 3.63
N ILE C 51 0.20 22.77 2.36
CA ILE C 51 1.46 22.15 2.02
C ILE C 51 2.56 22.93 2.68
N LYS C 52 2.54 24.23 2.47
CA LYS C 52 3.53 25.11 3.07
C LYS C 52 3.48 25.07 4.59
N GLU C 53 2.31 24.74 5.15
CA GLU C 53 2.16 24.71 6.59
C GLU C 53 2.46 23.35 7.18
N MET C 54 2.16 22.29 6.45
CA MET C 54 2.39 20.97 6.95
C MET C 54 3.86 20.60 7.13
N PHE C 55 4.66 20.92 6.12
CA PHE C 55 6.08 20.59 6.17
C PHE C 55 6.96 21.72 6.62
N ALA C 56 8.16 21.35 7.06
CA ALA C 56 9.17 22.28 7.55
C ALA C 56 9.59 23.21 6.43
N THR C 57 10.01 22.63 5.32
CA THR C 57 10.44 23.42 4.16
C THR C 57 9.91 22.80 2.89
N VAL C 58 9.44 23.66 2.00
CA VAL C 58 8.92 23.21 0.73
C VAL C 58 9.28 24.20 -0.34
N GLY C 59 10.04 23.75 -1.33
CA GLY C 59 10.42 24.63 -2.42
C GLY C 59 9.19 24.91 -3.26
N GLU C 60 9.35 25.69 -4.31
CA GLU C 60 8.22 26.05 -5.19
C GLU C 60 7.78 24.90 -6.09
N ASN C 61 6.52 24.92 -6.53
CA ASN C 61 5.99 23.93 -7.46
C ASN C 61 5.63 22.61 -6.79
N ALA C 62 5.63 22.57 -5.47
CA ALA C 62 5.29 21.35 -4.77
C ALA C 62 3.86 20.96 -5.05
N TRP C 63 3.66 19.68 -5.26
CA TRP C 63 2.34 19.12 -5.50
C TRP C 63 2.26 17.78 -4.82
N VAL C 64 1.27 17.62 -3.95
CA VAL C 64 1.07 16.39 -3.23
C VAL C 64 -0.39 16.00 -3.38
N GLU C 65 -0.65 14.86 -4.01
CA GLU C 65 -2.01 14.40 -4.19
C GLU C 65 -2.54 13.78 -2.90
N PRO C 66 -3.66 14.29 -2.37
CA PRO C 66 -4.17 13.68 -1.14
C PRO C 66 -4.69 12.26 -1.44
N PRO C 67 -4.66 11.37 -0.44
CA PRO C 67 -4.20 11.61 0.94
C PRO C 67 -2.70 11.43 1.16
N VAL C 68 -2.19 12.14 2.16
CA VAL C 68 -0.80 12.02 2.50
C VAL C 68 -0.76 11.73 4.00
N TYR C 69 0.14 10.86 4.42
CA TYR C 69 0.26 10.54 5.83
C TYR C 69 1.67 10.79 6.39
N PHE C 70 1.73 11.30 7.61
CA PHE C 70 2.98 11.55 8.31
C PHE C 70 2.74 11.60 9.81
N SER C 71 3.82 11.56 10.58
CA SER C 71 3.73 11.59 12.03
C SER C 71 3.72 13.01 12.59
N TYR C 72 4.66 13.84 12.13
CA TYR C 72 4.75 15.22 12.60
C TYR C 72 4.55 16.19 11.47
N GLY C 73 5.17 15.88 10.33
CA GLY C 73 5.10 16.74 9.16
C GLY C 73 6.21 17.80 9.18
N SER C 74 6.40 18.42 10.34
CA SER C 74 7.40 19.46 10.46
C SER C 74 8.85 18.96 10.36
N ASN C 75 9.05 17.64 10.32
CA ASN C 75 10.39 17.06 10.20
C ASN C 75 10.75 16.78 8.74
N ILE C 76 9.93 17.28 7.83
CA ILE C 76 10.12 17.06 6.41
C ILE C 76 10.54 18.31 5.67
N HIS C 77 11.60 18.19 4.88
CA HIS C 77 12.13 19.31 4.12
C HIS C 77 12.07 18.87 2.70
N ILE C 78 11.43 19.67 1.84
CA ILE C 78 11.26 19.34 0.43
C ILE C 78 11.80 20.40 -0.50
N GLY C 79 12.46 19.96 -1.54
CA GLY C 79 13.04 20.96 -2.34
C GLY C 79 12.07 21.65 -3.23
N ARG C 80 12.33 21.47 -4.50
CA ARG C 80 11.63 22.15 -5.56
C ARG C 80 11.08 21.22 -6.65
N ASN C 81 9.88 21.52 -7.16
CA ASN C 81 9.23 20.73 -8.21
C ASN C 81 8.96 19.32 -7.74
N PHE C 82 8.60 19.24 -6.46
CA PHE C 82 8.31 17.97 -5.85
C PHE C 82 6.96 17.55 -6.37
N TYR C 83 6.77 16.24 -6.52
CA TYR C 83 5.52 15.69 -6.97
C TYR C 83 5.29 14.32 -6.34
N ALA C 84 4.23 14.20 -5.56
CA ALA C 84 3.92 12.95 -4.92
C ALA C 84 2.48 12.58 -5.25
N ASN C 85 2.29 11.34 -5.68
CA ASN C 85 0.97 10.86 -6.00
C ASN C 85 0.37 10.27 -4.74
N PHE C 86 -0.88 9.84 -4.81
CA PHE C 86 -1.58 9.31 -3.66
C PHE C 86 -0.84 8.46 -2.65
N ASN C 87 -1.36 8.54 -1.44
CA ASN C 87 -0.90 7.77 -0.30
C ASN C 87 0.58 7.74 0.02
N LEU C 88 1.20 8.91 0.00
CA LEU C 88 2.60 8.98 0.36
C LEU C 88 2.57 8.93 1.88
N THR C 89 3.34 8.03 2.48
CA THR C 89 3.37 7.94 3.92
C THR C 89 4.79 8.21 4.36
N ILE C 90 4.96 9.13 5.31
CA ILE C 90 6.28 9.48 5.81
C ILE C 90 6.31 9.49 7.34
N VAL C 91 7.01 8.53 7.94
CA VAL C 91 7.11 8.47 9.39
C VAL C 91 8.32 9.33 9.73
N ASP C 92 8.08 10.63 9.86
CA ASP C 92 9.14 11.59 10.13
C ASP C 92 9.37 11.85 11.58
N ASP C 93 9.65 10.81 12.33
CA ASP C 93 9.93 10.99 13.74
C ASP C 93 11.19 11.83 13.86
N TYR C 94 12.00 11.81 12.81
CA TYR C 94 13.22 12.60 12.72
C TYR C 94 13.28 13.13 11.30
N THR C 95 14.36 13.83 10.97
CA THR C 95 14.50 14.43 9.66
C THR C 95 14.38 13.56 8.42
N VAL C 96 13.78 14.16 7.40
CA VAL C 96 13.57 13.51 6.13
C VAL C 96 13.82 14.63 5.13
N THR C 97 14.85 14.47 4.31
CA THR C 97 15.19 15.47 3.32
C THR C 97 15.01 14.96 1.91
N ILE C 98 14.25 15.71 1.12
CA ILE C 98 13.98 15.40 -0.27
C ILE C 98 14.53 16.54 -1.14
N GLY C 99 15.32 16.19 -2.15
CA GLY C 99 15.89 17.18 -3.05
C GLY C 99 14.94 17.79 -4.06
N ASP C 100 15.49 18.28 -5.17
CA ASP C 100 14.72 18.92 -6.24
C ASP C 100 14.30 17.97 -7.34
N ASN C 101 13.20 18.30 -8.00
CA ASN C 101 12.67 17.50 -9.08
C ASN C 101 12.53 16.02 -8.79
N VAL C 102 12.06 15.73 -7.57
CA VAL C 102 11.84 14.37 -7.13
C VAL C 102 10.39 14.00 -7.49
N LEU C 103 10.21 12.83 -8.11
CA LEU C 103 8.90 12.37 -8.50
C LEU C 103 8.54 11.12 -7.71
N ILE C 104 7.42 11.14 -7.00
CA ILE C 104 7.04 9.95 -6.27
C ILE C 104 5.73 9.40 -6.74
N ALA C 105 5.79 8.10 -7.05
CA ALA C 105 4.64 7.33 -7.54
C ALA C 105 3.69 7.10 -6.37
N PRO C 106 2.50 6.54 -6.64
CA PRO C 106 1.56 6.30 -5.54
C PRO C 106 1.90 5.17 -4.55
N ASN C 107 1.50 5.35 -3.29
CA ASN C 107 1.68 4.36 -2.22
C ASN C 107 3.10 4.08 -1.77
N VAL C 108 3.88 5.12 -1.59
CA VAL C 108 5.27 4.96 -1.17
C VAL C 108 5.33 5.18 0.34
N THR C 109 6.19 4.44 1.02
CA THR C 109 6.35 4.62 2.47
C THR C 109 7.79 4.97 2.87
N LEU C 110 7.94 6.09 3.56
CA LEU C 110 9.26 6.52 4.03
C LEU C 110 9.25 6.49 5.53
N SER C 111 10.14 5.70 6.11
CA SER C 111 10.22 5.63 7.57
C SER C 111 11.63 5.78 8.12
N VAL C 112 11.88 6.85 8.85
CA VAL C 112 13.18 7.08 9.46
C VAL C 112 13.21 6.26 10.75
N THR C 113 12.05 5.73 11.14
CA THR C 113 11.94 4.96 12.38
C THR C 113 11.89 3.45 12.23
N GLY C 114 12.42 2.75 13.21
CA GLY C 114 12.43 1.30 13.20
C GLY C 114 12.47 0.85 14.64
N HIS C 115 12.25 -0.42 14.91
CA HIS C 115 12.29 -0.90 16.29
C HIS C 115 13.29 -2.01 16.54
N PRO C 116 13.91 -1.98 17.72
CA PRO C 116 14.85 -3.01 18.10
C PRO C 116 14.15 -4.34 17.91
N VAL C 117 14.81 -5.10 17.06
CA VAL C 117 14.36 -6.40 16.71
C VAL C 117 14.20 -7.25 18.00
N HIS C 118 15.09 -7.15 19.01
CA HIS C 118 14.93 -7.95 20.26
C HIS C 118 13.79 -7.38 21.13
N HIS C 119 12.74 -8.19 21.36
CA HIS C 119 11.59 -7.72 22.11
C HIS C 119 11.93 -7.09 23.44
N GLU C 120 12.94 -7.62 24.13
CA GLU C 120 13.32 -7.06 25.41
C GLU C 120 13.74 -5.59 25.25
N LEU C 121 14.23 -5.23 24.07
CA LEU C 121 14.68 -3.87 23.82
C LEU C 121 13.54 -2.97 23.38
N ARG C 122 12.31 -3.47 23.34
CA ARG C 122 11.20 -2.63 22.93
C ARG C 122 9.93 -2.78 23.82
N LYS C 123 10.02 -3.38 25.01
CA LYS C 123 8.84 -3.56 25.87
C LYS C 123 7.86 -2.39 25.82
N ASN C 124 8.42 -1.18 25.78
CA ASN C 124 7.64 0.05 25.73
C ASN C 124 7.67 0.68 24.34
N GLY C 125 7.61 -0.20 23.34
CA GLY C 125 7.64 0.20 21.94
C GLY C 125 8.64 1.31 21.79
N GLU C 126 9.89 0.95 22.01
CA GLU C 126 10.96 1.88 21.91
C GLU C 126 11.49 1.85 20.50
N MET C 127 11.86 3.01 20.01
CA MET C 127 12.28 3.05 18.65
C MET C 127 13.52 3.91 18.45
N TYR C 128 14.06 3.87 17.23
CA TYR C 128 15.23 4.68 16.88
C TYR C 128 14.86 5.36 15.57
N SER C 129 15.55 6.45 15.26
CA SER C 129 15.26 7.17 14.03
C SER C 129 16.52 7.68 13.38
N PHE C 130 16.68 7.39 12.09
CA PHE C 130 17.84 7.85 11.35
C PHE C 130 17.33 8.55 10.12
N PRO C 131 17.76 9.82 9.92
CA PRO C 131 17.38 10.61 8.75
C PRO C 131 17.44 9.86 7.42
N ILE C 132 16.64 10.35 6.47
CA ILE C 132 16.57 9.77 5.14
C ILE C 132 16.85 10.90 4.19
N THR C 133 17.74 10.67 3.24
CA THR C 133 18.12 11.70 2.29
C THR C 133 17.87 11.20 0.88
N ILE C 134 17.02 11.92 0.13
CA ILE C 134 16.68 11.56 -1.25
C ILE C 134 17.27 12.65 -2.14
N GLY C 135 18.20 12.28 -3.00
CA GLY C 135 18.79 13.28 -3.86
C GLY C 135 17.86 13.98 -4.81
N ASN C 136 18.44 14.75 -5.73
CA ASN C 136 17.66 15.47 -6.71
C ASN C 136 17.34 14.57 -7.88
N ASN C 137 16.23 14.86 -8.54
CA ASN C 137 15.84 14.13 -9.74
C ASN C 137 15.72 12.65 -9.52
N VAL C 138 15.27 12.24 -8.33
CA VAL C 138 15.10 10.84 -8.04
C VAL C 138 13.69 10.50 -8.41
N TRP C 139 13.46 9.27 -8.81
CA TRP C 139 12.14 8.82 -9.16
C TRP C 139 11.93 7.52 -8.42
N ILE C 140 10.93 7.52 -7.54
CA ILE C 140 10.61 6.33 -6.76
C ILE C 140 9.32 5.70 -7.30
N GLY C 141 9.39 4.41 -7.66
CA GLY C 141 8.22 3.73 -8.17
C GLY C 141 7.18 3.42 -7.10
N SER C 142 6.06 2.84 -7.53
CA SER C 142 4.96 2.50 -6.61
C SER C 142 5.30 1.39 -5.64
N HIS C 143 4.68 1.45 -4.47
CA HIS C 143 4.85 0.48 -3.39
C HIS C 143 6.29 0.28 -2.95
N VAL C 144 7.06 1.35 -3.00
CA VAL C 144 8.44 1.27 -2.57
C VAL C 144 8.45 1.59 -1.11
N VAL C 145 9.36 0.96 -0.38
CA VAL C 145 9.52 1.23 1.03
C VAL C 145 10.99 1.62 1.26
N ILE C 146 11.19 2.78 1.87
CA ILE C 146 12.51 3.26 2.19
C ILE C 146 12.70 3.28 3.71
N ASN C 147 13.60 2.42 4.17
CA ASN C 147 13.90 2.27 5.59
C ASN C 147 14.79 3.32 6.20
N PRO C 148 14.94 3.27 7.53
CA PRO C 148 15.77 4.26 8.22
C PRO C 148 17.22 4.48 7.78
N GLY C 149 17.64 5.73 7.85
CA GLY C 149 18.99 6.15 7.54
C GLY C 149 19.50 5.81 6.16
N VAL C 150 18.60 5.79 5.19
CA VAL C 150 18.98 5.48 3.82
C VAL C 150 19.17 6.76 3.02
N THR C 151 20.14 6.75 2.11
CA THR C 151 20.43 7.89 1.25
C THR C 151 20.24 7.43 -0.19
N ILE C 152 19.37 8.11 -0.92
CA ILE C 152 19.15 7.78 -2.32
C ILE C 152 19.89 8.85 -3.09
N GLY C 153 20.89 8.43 -3.86
CA GLY C 153 21.69 9.34 -4.64
C GLY C 153 20.94 10.11 -5.70
N ASP C 154 21.58 11.14 -6.23
CA ASP C 154 21.03 12.00 -7.27
C ASP C 154 20.77 11.27 -8.57
N ASN C 155 19.67 11.64 -9.23
CA ASN C 155 19.29 11.05 -10.49
C ASN C 155 18.97 9.58 -10.51
N SER C 156 18.95 8.93 -9.36
CA SER C 156 18.66 7.50 -9.33
C SER C 156 17.16 7.14 -9.45
N VAL C 157 16.88 5.89 -9.80
CA VAL C 157 15.51 5.42 -9.92
C VAL C 157 15.34 4.14 -9.10
N ILE C 158 14.24 4.07 -8.35
CA ILE C 158 13.94 2.91 -7.53
C ILE C 158 12.70 2.29 -8.16
N GLY C 159 12.86 1.06 -8.62
CA GLY C 159 11.75 0.36 -9.24
C GLY C 159 10.58 0.14 -8.31
N ALA C 160 9.43 -0.13 -8.90
CA ALA C 160 8.23 -0.37 -8.14
C ALA C 160 8.44 -1.52 -7.22
N GLY C 161 7.94 -1.40 -5.99
CA GLY C 161 8.03 -2.50 -5.04
C GLY C 161 9.33 -2.76 -4.33
N SER C 162 10.39 -2.03 -4.66
CA SER C 162 11.65 -2.29 -3.97
C SER C 162 11.55 -1.92 -2.51
N ILE C 163 12.33 -2.63 -1.71
CA ILE C 163 12.41 -2.40 -0.28
C ILE C 163 13.85 -1.96 -0.09
N VAL C 164 14.04 -0.65 0.01
CA VAL C 164 15.35 -0.05 0.15
C VAL C 164 15.85 -0.05 1.59
N THR C 165 16.79 -0.95 1.87
CA THR C 165 17.35 -1.09 3.21
C THR C 165 18.73 -0.43 3.33
N LYS C 166 19.46 -0.37 2.22
CA LYS C 166 20.80 0.21 2.19
C LYS C 166 20.80 1.39 1.25
N ASP C 167 21.83 2.24 1.34
CA ASP C 167 21.95 3.42 0.48
C ASP C 167 22.07 3.03 -0.97
N ILE C 168 21.61 3.90 -1.86
CA ILE C 168 21.67 3.67 -3.28
C ILE C 168 22.60 4.71 -3.88
N PRO C 169 23.56 4.29 -4.72
CA PRO C 169 24.47 5.28 -5.31
C PRO C 169 23.74 6.12 -6.33
N PRO C 170 24.33 7.27 -6.70
CA PRO C 170 23.66 8.11 -7.68
C PRO C 170 23.72 7.48 -9.06
N ASN C 171 22.94 8.01 -9.99
CA ASN C 171 22.90 7.53 -11.36
C ASN C 171 22.71 6.04 -11.59
N VAL C 172 21.94 5.38 -10.74
CA VAL C 172 21.69 3.96 -10.97
C VAL C 172 20.20 3.69 -11.01
N VAL C 173 19.87 2.44 -11.30
CA VAL C 173 18.51 1.99 -11.35
C VAL C 173 18.56 0.82 -10.39
N ALA C 174 17.82 0.94 -9.29
CA ALA C 174 17.78 -0.11 -8.29
C ALA C 174 16.35 -0.62 -8.19
N ALA C 175 16.21 -1.89 -7.86
CA ALA C 175 14.90 -2.53 -7.71
C ALA C 175 15.14 -3.84 -7.00
N GLY C 176 14.05 -4.42 -6.49
CA GLY C 176 14.16 -5.70 -5.81
C GLY C 176 13.83 -5.66 -4.33
N VAL C 177 13.68 -6.84 -3.75
CA VAL C 177 13.38 -7.01 -2.33
C VAL C 177 14.39 -8.02 -1.79
N PRO C 178 15.48 -7.54 -1.18
CA PRO C 178 15.76 -6.11 -0.97
C PRO C 178 16.29 -5.42 -2.21
N CYS C 179 16.16 -4.11 -2.23
CA CYS C 179 16.60 -3.29 -3.35
C CYS C 179 18.07 -3.47 -3.60
N ARG C 180 18.42 -3.66 -4.87
CA ARG C 180 19.81 -3.82 -5.27
C ARG C 180 19.99 -3.06 -6.56
N VAL C 181 21.21 -2.57 -6.78
CA VAL C 181 21.50 -1.83 -7.99
C VAL C 181 21.42 -2.78 -9.19
N ILE C 182 20.61 -2.40 -10.17
CA ILE C 182 20.44 -3.21 -11.39
C ILE C 182 21.56 -2.86 -12.37
N ARG C 183 21.71 -1.58 -12.64
CA ARG C 183 22.71 -1.13 -13.58
C ARG C 183 22.89 0.37 -13.38
N GLU C 184 23.80 0.96 -14.14
CA GLU C 184 24.01 2.39 -14.04
C GLU C 184 23.29 3.02 -15.22
N ILE C 185 22.83 4.25 -15.02
CA ILE C 185 22.12 4.96 -16.07
C ILE C 185 23.11 5.51 -17.11
N ASN C 186 23.22 4.79 -18.22
CA ASN C 186 24.14 5.18 -19.28
C ASN C 186 23.51 6.16 -20.25
N ASP C 187 24.06 6.24 -21.45
CA ASP C 187 23.58 7.17 -22.45
C ASP C 187 22.55 6.55 -23.35
N ARG C 188 22.42 5.23 -23.32
CA ARG C 188 21.41 4.57 -24.13
C ARG C 188 20.05 5.06 -23.62
N ASP C 189 20.01 5.35 -22.32
CA ASP C 189 18.82 5.84 -21.63
C ASP C 189 18.44 7.23 -22.11
N LYS C 190 19.33 7.82 -22.89
CA LYS C 190 19.09 9.15 -23.44
C LYS C 190 18.25 9.01 -24.71
N HIS C 191 18.11 7.79 -25.22
CA HIS C 191 17.35 7.57 -26.44
C HIS C 191 16.13 6.69 -26.19
N TYR C 192 16.37 5.59 -25.50
CA TYR C 192 15.31 4.66 -25.13
C TYR C 192 14.78 5.07 -23.79
N TYR C 193 13.48 5.33 -23.71
CA TYR C 193 12.87 5.74 -22.45
C TYR C 193 12.05 4.63 -21.78
N PHE C 194 11.59 3.66 -22.59
CA PHE C 194 10.82 2.54 -22.04
C PHE C 194 10.93 1.32 -22.96
N LYS C 195 10.79 0.14 -22.38
CA LYS C 195 11.01 -1.09 -23.12
C LYS C 195 11.76 -0.81 -24.46
N ASP C 196 11.18 -0.78 -25.65
CA ASP C 196 12.02 -0.54 -26.86
C ASP C 196 11.68 0.72 -27.68
N TYR C 197 11.25 1.78 -27.01
CA TYR C 197 10.86 2.99 -27.70
C TYR C 197 11.89 4.11 -27.65
N LYS C 198 12.30 4.59 -28.84
CA LYS C 198 13.30 5.66 -28.96
C LYS C 198 12.62 7.04 -28.98
N VAL C 199 13.41 8.11 -29.08
CA VAL C 199 12.85 9.48 -29.07
C VAL C 199 12.55 10.06 -30.45
N GLU C 200 13.41 9.74 -31.42
CA GLU C 200 13.24 10.20 -32.81
C GLU C 200 13.49 8.96 -33.70
N SER C 201 12.66 8.69 -34.72
CA SER C 201 12.90 7.44 -35.51
C SER C 201 12.03 7.19 -36.76
N1A ACO D . 4.65 -14.65 -4.05
C2A ACO D . 5.71 -15.51 -4.15
N3A ACO D . 5.76 -16.79 -3.88
C4A ACO D . 4.57 -17.24 -3.49
C5A ACO D . 3.41 -16.52 -3.34
C6A ACO D . 3.45 -15.14 -3.65
N6A ACO D . 2.43 -14.32 -3.55
N7A ACO D . 2.38 -17.33 -2.91
C8A ACO D . 2.94 -18.54 -2.79
N9A ACO D . 4.26 -18.53 -3.14
C1B ACO D . 5.22 -19.61 -3.15
C2B ACO D . 5.13 -20.48 -1.91
O2B ACO D . 5.80 -19.87 -0.80
C3B ACO D . 5.76 -21.80 -2.34
O3B ACO D . 7.17 -21.85 -2.02
P3B ACO D . 7.96 -23.16 -2.41
O7A ACO D . 9.21 -23.22 -1.63
O8A ACO D . 8.11 -23.20 -3.88
O9A ACO D . 7.14 -24.33 -2.04
C4B ACO D . 5.28 -21.85 -3.80
O4B ACO D . 4.99 -20.49 -4.21
C5B ACO D . 4.04 -22.70 -4.04
O5B ACO D . 2.84 -22.04 -3.56
P1A ACO D . 1.49 -22.88 -3.39
O1A ACO D . 0.71 -22.37 -2.25
O2A ACO D . 1.82 -24.32 -3.23
O3A ACO D . 0.87 -22.72 -4.83
P2A ACO D . -0.29 -21.68 -5.39
O4A ACO D . -1.65 -22.22 -5.17
O5A ACO D . 0.00 -21.32 -6.81
O6A ACO D . -0.01 -20.42 -4.41
CBP ACO D . -1.36 -18.27 -4.04
CCP ACO D . -1.20 -19.80 -3.75
CDP ACO D . -0.25 -17.85 -4.99
CEP ACO D . -2.73 -17.94 -4.67
CAP ACO D . -1.22 -17.44 -2.70
OAP ACO D . 0.12 -17.55 -2.17
C9P ACO D . -1.43 -15.92 -2.86
O9P ACO D . -0.58 -15.20 -3.42
N8P ACO D . -2.56 -15.48 -2.35
C7P ACO D . -2.96 -14.05 -2.40
C6P ACO D . -3.78 -13.55 -1.21
C5P ACO D . -4.55 -12.25 -1.56
O5P ACO D . -3.99 -11.26 -2.07
N4P ACO D . -5.84 -12.39 -1.21
C3P ACO D . -6.92 -11.38 -1.38
C2P ACO D . -8.30 -12.05 -1.25
S1P ACO D . -9.67 -10.87 -0.80
C ACO D . -9.72 -9.77 -2.20
O ACO D . -10.04 -8.51 -2.04
CH3 ACO D . -9.40 -10.31 -3.61
N1A ACO E . 13.25 -7.64 2.98
C2A ACO E . 14.24 -8.41 2.40
N3A ACO E . 15.47 -8.57 2.80
C4A ACO E . 15.70 -7.89 3.95
C5A ACO E . 14.81 -7.09 4.68
C6A ACO E . 13.52 -6.97 4.13
N6A ACO E . 12.55 -6.24 4.67
N7A ACO E . 15.41 -6.56 5.80
C8A ACO E . 16.64 -7.06 5.75
N9A ACO E . 16.86 -7.84 4.64
C1B ACO E . 18.08 -8.52 4.20
C2B ACO E . 19.19 -7.52 4.09
O2B ACO E . 19.09 -6.77 2.86
C3B ACO E . 20.45 -8.39 4.23
O3B ACO E . 20.97 -8.70 2.95
P3B ACO E . 22.26 -9.61 2.83
O7A ACO E . 22.58 -9.81 1.39
O8A ACO E . 22.01 -10.84 3.62
O9A ACO E . 23.39 -8.92 3.47
C4B ACO E . 19.94 -9.43 5.25
O4B ACO E . 18.51 -9.43 5.16
C5B ACO E . 20.30 -9.14 6.68
O5B ACO E . 19.71 -7.89 7.14
P1A ACO E . 20.25 -7.28 8.51
O1A ACO E . 21.30 -6.26 8.25
O2A ACO E . 20.93 -8.32 9.30
O3A ACO E . 18.97 -6.66 9.19
P2A ACO E . 17.96 -7.07 10.46
O4A ACO E . 17.87 -6.02 11.47
O5A ACO E . 18.27 -8.44 10.94
O6A ACO E . 16.62 -7.12 9.58
CBP ACO E . 14.85 -5.33 9.34
CCP ACO E . 16.30 -5.76 9.05
CDP ACO E . 13.90 -6.49 9.08
CEP ACO E . 14.67 -4.86 10.77
CAP ACO E . 14.52 -4.15 8.36
OAP ACO E . 14.79 -4.53 7.00
C9P ACO E . 13.02 -3.73 8.29
O9P ACO E . 12.20 -4.34 7.60
N8P ACO E . 12.61 -2.69 9.00
C7P ACO E . 11.23 -2.16 8.99
C6P ACO E . 11.21 -0.62 8.94
C5P ACO E . 9.80 -0.07 9.18
O5P ACO E . 8.90 -0.18 8.33
N4P ACO E . 9.64 0.51 10.35
C3P ACO E . 8.37 1.10 10.81
C2P ACO E . 8.29 0.90 12.33
S1P ACO E . 7.36 2.25 13.21
C ACO E . 5.70 1.59 13.26
O ACO E . 4.74 2.16 12.58
CH3 ACO E . 5.39 0.35 14.13
N1A ACO F . 11.40 -4.74 -9.51
C2A ACO F . 12.22 -5.82 -9.73
N3A ACO F . 12.83 -6.13 -10.83
C4A ACO F . 12.58 -5.21 -11.81
C5A ACO F . 11.79 -4.06 -11.74
C6A ACO F . 11.17 -3.83 -10.51
N6A ACO F . 10.38 -2.79 -10.26
N7A ACO F . 11.79 -3.36 -12.93
C8A ACO F . 12.59 -4.10 -13.68
N9A ACO F . 13.05 -5.22 -13.07
C1B ACO F . 13.89 -6.25 -13.60
C2B ACO F . 13.23 -6.78 -14.84
O2B ACO F . 12.20 -7.73 -14.53
C3B ACO F . 14.37 -7.38 -15.63
O3B ACO F . 14.45 -8.78 -15.40
P3B ACO F . 15.57 -9.64 -16.13
O7A ACO F . 15.65 -10.96 -15.49
O8A ACO F . 16.82 -8.84 -16.17
O9A ACO F . 15.18 -9.85 -17.55
C4B ACO F . 15.48 -6.43 -15.25
O4B ACO F . 15.11 -5.75 -14.02
C5B ACO F . 15.78 -5.31 -16.24
O5B ACO F . 14.80 -4.24 -16.15
P1A ACO F . 14.54 -3.31 -17.42
O1A ACO F . 13.11 -3.21 -17.72
O2A ACO F . 15.29 -3.84 -18.60
O3A ACO F . 15.22 -1.97 -16.99
P2A ACO F . 14.57 -0.51 -16.50
O4A ACO F . 13.83 0.17 -17.60
O5A ACO F . 15.63 0.35 -15.91
O6A ACO F . 13.55 -1.00 -15.36
CBP ACO F . 11.54 0.25 -14.40
CCP ACO F . 12.17 -0.49 -15.60
CDP ACO F . 12.44 0.13 -13.17
CEP ACO F . 11.29 1.74 -14.69
CAP ACO F . 10.19 -0.47 -14.15
OAP ACO F . 10.39 -1.85 -13.86
C9P ACO F . 9.40 0.04 -12.94
O9P ACO F . 9.54 -0.49 -11.81
N8P ACO F . 8.57 1.03 -13.20
C7P ACO F . 7.71 1.65 -12.18
C6P ACO F . 6.37 2.16 -12.71
C5P ACO F . 5.65 3.01 -11.64
O5P ACO F . 5.39 2.51 -10.53
N4P ACO F . 5.35 4.26 -12.00
C3P ACO F . 4.71 5.21 -11.06
C2P ACO F . 3.84 6.26 -11.76
S1P ACO F . 4.72 7.85 -12.17
C ACO F . 4.46 8.94 -10.75
O ACO F . 3.25 9.04 -10.23
CH3 ACO F . 5.65 9.74 -10.19
#